data_1FA9
#
_entry.id   1FA9
#
_cell.length_a   123.91
_cell.length_b   123.91
_cell.length_c   127.68
_cell.angle_alpha   90
_cell.angle_beta   90
_cell.angle_gamma   120
#
_symmetry.space_group_name_H-M   'P 31 2 1'
#
loop_
_entity.id
_entity.type
_entity.pdbx_description
1 polymer 'GLYCOGEN PHOSPHORYLASE, LIVER FORM'
2 non-polymer alpha-D-glucopyranose
3 non-polymer 'ADENOSINE MONOPHOSPHATE'
4 non-polymer "PYRIDOXAL-5'-PHOSPHATE"
5 water water
#
_entity_poly.entity_id   1
_entity_poly.type   'polypeptide(L)'
_entity_poly.pdbx_seq_one_letter_code
;AKPLTDQEKRRQI(SEP)IRGIVGVENVAELKKSFNRHLHFTLVKDRNVATTRDYYFALAHTVRDHLVGRWIRTQQHYYD
KCPKRVYYLSLEFYMGRTLQNTMINLGLQNACDEAIYQLGLDIEELEEIEEDAGLGNGGLGRLAACFLDSMATLGLAAYG
YGIRYEYGIFNQKIRDGWQVEEADDWLRYGNPWEKSRPEFMLPVHFYGKVEHTNTGTKWIDTQVVLALPYDTPVPGYMNN
TVNTMRLWSARAPNDFNLRDFNVGDYIQAVLDRNLAENISRVLYPNDNFFEGKELRLKQEYFVVAATLQDIIRRFKASKF
GSTRGAGTVFDAFPDQVAIQLNDTHPALAIPELMRIFVDIEKLPWSKAWELTQKTFAYTNHTVLPEALERWPVDLVEKLL
PRHLEIIYEINQKHLDRIVALFPKDVDRLRRMSLIEEEGSKRINMAHLCIVGSHAVNGVAKIHSDIVKTKVFKDFSELEP
DKFQNKTNGITPRRWLLLCNPGLAELIAEKIGEDYVKDLSQLTKLHSFLGDDVFLRELAKVKQENKLKFSQFLETEYKVK
INPSSMFDVQVKRIHEYKRQLLNCLHVITMYNRIKKDPKKLFVPRTVIIGGKAAPGYHMAKMIIKLITSVADVVNNDPMV
GSKLKVIFLENYRVSLAEKVIPATDLSEQISTAGTEASGTGNMKFMLNGALTIGTMDGANVEMAEEAGEENLFIFGMRID
DVAALDKKGYEAKEYYEALPELKLVIDQIDNGFFSPKQPDLFKDIINMLFYHDRFKVFADYEAYVKCQDKVSQLYMNPKA
WNTMVLKNIAASGKFSSDRTIKEYAQNIWNVEPSDLKISLSNESNKVNGN
;
_entity_poly.pdbx_strand_id   A
#
loop_
_chem_comp.id
_chem_comp.type
_chem_comp.name
_chem_comp.formula
AMP non-polymer 'ADENOSINE MONOPHOSPHATE' 'C10 H14 N5 O7 P'
GLC D-saccharide, alpha linking alpha-D-glucopyranose 'C6 H12 O6'
PLP non-polymer PYRIDOXAL-5'-PHOSPHATE 'C8 H10 N O6 P'
#
# COMPACT_ATOMS: atom_id res chain seq x y z
N THR A 5 1.87 -14.73 -44.67
CA THR A 5 1.81 -15.09 -43.21
C THR A 5 0.98 -14.00 -42.55
N ASP A 6 -0.05 -13.56 -43.25
CA ASP A 6 -0.91 -12.49 -42.79
C ASP A 6 -2.29 -12.69 -43.42
N GLN A 7 -2.62 -11.90 -44.44
CA GLN A 7 -3.89 -11.98 -45.15
C GLN A 7 -5.04 -11.34 -44.37
N GLU A 8 -6.24 -11.38 -44.96
CA GLU A 8 -7.44 -10.85 -44.33
C GLU A 8 -8.19 -12.03 -43.72
N LYS A 9 -7.64 -13.22 -43.93
CA LYS A 9 -8.19 -14.45 -43.39
C LYS A 9 -7.79 -14.47 -41.93
N ARG A 10 -6.60 -13.92 -41.65
CA ARG A 10 -6.08 -13.85 -40.29
C ARG A 10 -6.92 -12.92 -39.41
N ARG A 11 -7.84 -12.19 -40.04
CA ARG A 11 -8.73 -11.29 -39.31
C ARG A 11 -9.78 -12.13 -38.60
N GLN A 12 -9.78 -13.43 -38.90
CA GLN A 12 -10.69 -14.40 -38.28
C GLN A 12 -10.23 -14.65 -36.85
N ILE A 13 -8.96 -14.34 -36.61
CA ILE A 13 -8.37 -14.48 -35.29
C ILE A 13 -8.81 -13.20 -34.57
N SEP A 14 -9.89 -13.31 -33.81
CA SEP A 14 -10.46 -12.16 -33.13
CB SEP A 14 -11.30 -11.38 -34.14
OG SEP A 14 -12.27 -10.42 -33.79
C SEP A 14 -11.32 -12.55 -31.94
O SEP A 14 -11.60 -13.72 -31.74
P SEP A 14 -11.81 -8.93 -33.74
O1P SEP A 14 -10.80 -8.66 -34.75
O2P SEP A 14 -13.01 -8.20 -33.29
O3P SEP A 14 -10.95 -8.76 -32.55
N ILE A 15 -11.73 -11.56 -31.12
CA ILE A 15 -12.60 -11.83 -29.98
C ILE A 15 -14.02 -11.34 -30.25
N ARG A 16 -14.21 -10.80 -31.46
CA ARG A 16 -15.48 -10.29 -31.93
C ARG A 16 -16.71 -11.04 -31.39
N GLY A 17 -16.77 -12.34 -31.63
CA GLY A 17 -17.90 -13.12 -31.16
C GLY A 17 -17.88 -13.51 -29.68
N ILE A 18 -16.72 -13.98 -29.24
CA ILE A 18 -16.51 -14.44 -27.86
C ILE A 18 -16.34 -13.35 -26.81
N VAL A 19 -16.87 -12.15 -27.07
CA VAL A 19 -16.75 -11.06 -26.10
C VAL A 19 -18.01 -10.20 -26.05
N GLY A 20 -18.54 -10.00 -24.84
CA GLY A 20 -19.74 -9.19 -24.69
C GLY A 20 -20.92 -9.89 -24.04
N VAL A 21 -21.22 -11.10 -24.50
CA VAL A 21 -22.33 -11.89 -23.97
C VAL A 21 -22.06 -12.36 -22.53
N GLU A 22 -22.66 -11.67 -21.55
CA GLU A 22 -22.44 -12.06 -20.16
C GLU A 22 -23.65 -12.42 -19.33
N ASN A 23 -24.57 -13.17 -19.93
CA ASN A 23 -25.77 -13.60 -19.22
C ASN A 23 -25.45 -14.81 -18.32
N VAL A 24 -26.43 -15.25 -17.55
CA VAL A 24 -26.27 -16.38 -16.64
C VAL A 24 -26.03 -17.71 -17.37
N ALA A 25 -26.68 -17.90 -18.53
CA ALA A 25 -26.49 -19.13 -19.28
C ALA A 25 -25.04 -19.30 -19.72
N GLU A 26 -24.45 -18.23 -20.28
CA GLU A 26 -23.06 -18.28 -20.71
C GLU A 26 -22.05 -18.37 -19.57
N LEU A 27 -22.38 -17.80 -18.41
CA LEU A 27 -21.47 -17.85 -17.26
C LEU A 27 -21.41 -19.28 -16.70
N LYS A 28 -22.48 -20.03 -16.93
CA LYS A 28 -22.55 -21.41 -16.47
C LYS A 28 -21.76 -22.31 -17.42
N LYS A 29 -21.88 -22.01 -18.70
CA LYS A 29 -21.16 -22.76 -19.72
C LYS A 29 -19.65 -22.57 -19.53
N SER A 30 -19.24 -21.33 -19.25
CA SER A 30 -17.83 -21.02 -19.02
C SER A 30 -17.27 -21.69 -17.77
N PHE A 31 -18.08 -21.68 -16.70
CA PHE A 31 -17.69 -22.30 -15.44
C PHE A 31 -17.41 -23.78 -15.70
N ASN A 32 -18.30 -24.42 -16.46
CA ASN A 32 -18.18 -25.82 -16.80
C ASN A 32 -16.93 -26.13 -17.65
N ARG A 33 -16.66 -25.30 -18.67
CA ARG A 33 -15.48 -25.50 -19.50
C ARG A 33 -14.20 -25.38 -18.66
N HIS A 34 -14.17 -24.42 -17.74
CA HIS A 34 -12.99 -24.24 -16.89
C HIS A 34 -12.85 -25.33 -15.84
N LEU A 35 -13.95 -25.71 -15.22
CA LEU A 35 -13.91 -26.77 -14.21
C LEU A 35 -13.38 -28.06 -14.82
N HIS A 36 -13.95 -28.44 -15.96
CA HIS A 36 -13.61 -29.67 -16.66
C HIS A 36 -12.37 -29.64 -17.56
N PHE A 37 -12.28 -28.63 -18.44
CA PHE A 37 -11.17 -28.53 -19.40
C PHE A 37 -9.91 -27.86 -18.89
N THR A 38 -10.06 -26.75 -18.16
CA THR A 38 -8.89 -26.05 -17.61
C THR A 38 -8.34 -26.81 -16.41
N LEU A 39 -9.23 -27.24 -15.52
CA LEU A 39 -8.81 -27.93 -14.31
C LEU A 39 -8.71 -29.43 -14.42
N VAL A 40 -9.29 -29.99 -15.48
CA VAL A 40 -9.28 -31.44 -15.74
C VAL A 40 -9.85 -32.12 -14.49
N LYS A 41 -11.10 -31.77 -14.19
CA LYS A 41 -11.83 -32.28 -13.05
C LYS A 41 -13.28 -32.54 -13.47
N ASP A 42 -14.09 -32.98 -12.52
CA ASP A 42 -15.53 -33.16 -12.72
C ASP A 42 -16.19 -32.99 -11.34
N ARG A 43 -17.51 -32.88 -11.30
CA ARG A 43 -18.23 -32.69 -10.03
C ARG A 43 -18.06 -33.82 -9.00
N ASN A 44 -17.53 -34.96 -9.43
CA ASN A 44 -17.37 -36.10 -8.54
C ASN A 44 -16.09 -36.02 -7.73
N VAL A 45 -15.08 -35.36 -8.29
CA VAL A 45 -13.79 -35.27 -7.62
C VAL A 45 -13.35 -33.83 -7.33
N ALA A 46 -14.07 -32.85 -7.86
CA ALA A 46 -13.75 -31.43 -7.67
C ALA A 46 -13.86 -30.93 -6.23
N THR A 47 -12.86 -30.16 -5.80
CA THR A 47 -12.84 -29.57 -4.46
C THR A 47 -13.41 -28.16 -4.47
N THR A 48 -13.47 -27.52 -3.32
CA THR A 48 -14.00 -26.16 -3.21
C THR A 48 -13.05 -25.22 -3.93
N ARG A 49 -11.76 -25.47 -3.76
CA ARG A 49 -10.72 -24.69 -4.38
C ARG A 49 -10.82 -24.77 -5.90
N ASP A 50 -11.23 -25.92 -6.42
CA ASP A 50 -11.40 -26.11 -7.87
C ASP A 50 -12.55 -25.26 -8.39
N TYR A 51 -13.66 -25.25 -7.68
CA TYR A 51 -14.81 -24.43 -8.07
C TYR A 51 -14.45 -22.95 -8.01
N TYR A 52 -13.60 -22.57 -7.04
CA TYR A 52 -13.17 -21.19 -6.93
C TYR A 52 -12.41 -20.82 -8.22
N PHE A 53 -11.35 -21.59 -8.54
CA PHE A 53 -10.53 -21.39 -9.73
C PHE A 53 -11.36 -21.40 -11.02
N ALA A 54 -12.44 -22.16 -11.03
CA ALA A 54 -13.31 -22.21 -12.19
C ALA A 54 -14.07 -20.89 -12.29
N LEU A 55 -14.43 -20.32 -11.13
CA LEU A 55 -15.15 -19.05 -11.12
C LEU A 55 -14.17 -17.93 -11.50
N ALA A 56 -12.98 -17.99 -10.91
CA ALA A 56 -11.93 -17.01 -11.18
C ALA A 56 -11.60 -16.93 -12.67
N HIS A 57 -11.41 -18.08 -13.30
CA HIS A 57 -11.10 -18.12 -14.73
C HIS A 57 -12.27 -17.62 -15.58
N THR A 58 -13.49 -17.93 -15.15
CA THR A 58 -14.69 -17.51 -15.87
C THR A 58 -14.74 -15.98 -15.89
N VAL A 59 -14.55 -15.39 -14.72
CA VAL A 59 -14.55 -13.93 -14.56
C VAL A 59 -13.36 -13.33 -15.31
N ARG A 60 -12.23 -14.02 -15.25
CA ARG A 60 -11.01 -13.58 -15.94
C ARG A 60 -11.19 -13.40 -17.46
N ASP A 61 -11.97 -14.29 -18.07
CA ASP A 61 -12.21 -14.18 -19.51
C ASP A 61 -12.89 -12.86 -19.87
N HIS A 62 -13.85 -12.44 -19.04
CA HIS A 62 -14.55 -11.19 -19.24
C HIS A 62 -13.55 -10.05 -19.04
N LEU A 63 -12.70 -10.22 -18.04
CA LEU A 63 -11.65 -9.26 -17.73
C LEU A 63 -10.66 -9.09 -18.90
N VAL A 64 -10.11 -10.22 -19.36
CA VAL A 64 -9.15 -10.26 -20.46
C VAL A 64 -9.70 -9.77 -21.82
N GLY A 65 -11.00 -9.97 -22.06
CA GLY A 65 -11.56 -9.49 -23.30
C GLY A 65 -11.54 -7.96 -23.35
N ARG A 66 -11.76 -7.35 -22.19
CA ARG A 66 -11.78 -5.89 -22.06
C ARG A 66 -10.37 -5.31 -22.03
N TRP A 67 -9.42 -6.11 -21.55
CA TRP A 67 -8.02 -5.72 -21.49
C TRP A 67 -7.47 -5.66 -22.92
N ILE A 68 -7.87 -6.64 -23.73
CA ILE A 68 -7.46 -6.71 -25.13
C ILE A 68 -7.99 -5.49 -25.85
N ARG A 69 -9.27 -5.16 -25.63
CA ARG A 69 -9.89 -3.98 -26.25
C ARG A 69 -9.28 -2.67 -25.77
N THR A 70 -9.01 -2.58 -24.47
CA THR A 70 -8.40 -1.40 -23.88
C THR A 70 -7.03 -1.13 -24.52
N GLN A 71 -6.17 -2.15 -24.51
CA GLN A 71 -4.82 -2.04 -25.06
C GLN A 71 -4.78 -1.81 -26.57
N GLN A 72 -5.77 -2.33 -27.29
CA GLN A 72 -5.86 -2.13 -28.74
C GLN A 72 -6.22 -0.65 -29.02
N HIS A 73 -6.98 -0.06 -28.10
CA HIS A 73 -7.40 1.34 -28.16
C HIS A 73 -6.21 2.26 -27.89
N TYR A 74 -5.40 1.88 -26.91
CA TYR A 74 -4.23 2.65 -26.54
C TYR A 74 -3.24 2.66 -27.68
N TYR A 75 -3.19 1.56 -28.44
CA TYR A 75 -2.27 1.51 -29.55
C TYR A 75 -2.77 2.39 -30.69
N ASP A 76 -4.08 2.36 -30.89
CA ASP A 76 -4.73 3.14 -31.93
C ASP A 76 -4.64 4.65 -31.68
N LYS A 77 -5.10 5.08 -30.51
CA LYS A 77 -5.08 6.49 -30.16
C LYS A 77 -3.70 7.01 -29.72
N CYS A 78 -2.81 6.09 -29.39
CA CYS A 78 -1.46 6.40 -28.96
C CYS A 78 -1.34 7.58 -27.97
N PRO A 79 -1.93 7.45 -26.76
CA PRO A 79 -1.88 8.48 -25.74
C PRO A 79 -0.56 8.46 -24.99
N LYS A 80 -0.39 9.39 -24.05
CA LYS A 80 0.82 9.42 -23.23
C LYS A 80 0.58 8.36 -22.17
N ARG A 81 1.58 7.52 -21.90
CA ARG A 81 1.42 6.46 -20.94
C ARG A 81 2.07 6.76 -19.60
N VAL A 82 1.37 6.40 -18.53
CA VAL A 82 1.84 6.61 -17.17
C VAL A 82 2.33 5.26 -16.63
N TYR A 83 3.55 5.25 -16.13
CA TYR A 83 4.14 4.05 -15.59
C TYR A 83 4.40 4.27 -14.11
N TYR A 84 3.64 3.58 -13.27
CA TYR A 84 3.77 3.70 -11.83
C TYR A 84 4.81 2.73 -11.25
N LEU A 85 5.99 3.24 -10.93
CA LEU A 85 7.05 2.42 -10.37
C LEU A 85 6.95 2.32 -8.86
N SER A 86 6.69 1.10 -8.38
CA SER A 86 6.57 0.84 -6.95
C SER A 86 7.12 -0.53 -6.61
N LEU A 87 7.86 -0.60 -5.50
CA LEU A 87 8.44 -1.85 -5.02
C LEU A 87 7.41 -2.54 -4.14
N GLU A 88 6.17 -2.06 -4.21
CA GLU A 88 5.11 -2.63 -3.39
C GLU A 88 3.72 -2.41 -3.95
N PHE A 89 2.97 -3.51 -4.13
CA PHE A 89 1.59 -3.48 -4.63
C PHE A 89 0.68 -4.34 -3.73
N TYR A 90 0.06 -3.70 -2.75
CA TYR A 90 -0.83 -4.37 -1.80
C TYR A 90 -2.22 -4.53 -2.43
N MET A 91 -2.33 -5.53 -3.30
CA MET A 91 -3.54 -5.81 -4.07
C MET A 91 -4.71 -6.50 -3.38
N GLY A 92 -4.43 -7.34 -2.39
CA GLY A 92 -5.48 -8.08 -1.71
C GLY A 92 -6.06 -9.15 -2.63
N ARG A 93 -7.35 -9.41 -2.52
CA ARG A 93 -7.98 -10.40 -3.37
C ARG A 93 -8.45 -9.75 -4.67
N THR A 94 -8.88 -10.56 -5.64
CA THR A 94 -9.28 -10.03 -6.95
C THR A 94 -10.67 -10.44 -7.46
N LEU A 95 -11.19 -11.56 -7.01
CA LEU A 95 -12.49 -12.07 -7.48
C LEU A 95 -13.65 -11.07 -7.46
N GLN A 96 -14.14 -10.75 -6.26
CA GLN A 96 -15.27 -9.84 -6.09
C GLN A 96 -15.03 -8.42 -6.58
N ASN A 97 -13.84 -7.89 -6.36
CA ASN A 97 -13.51 -6.55 -6.84
C ASN A 97 -13.65 -6.54 -8.37
N THR A 98 -13.21 -7.61 -9.03
CA THR A 98 -13.31 -7.71 -10.49
C THR A 98 -14.76 -7.80 -10.95
N MET A 99 -15.56 -8.58 -10.21
CA MET A 99 -16.97 -8.74 -10.52
C MET A 99 -17.73 -7.40 -10.42
N ILE A 100 -17.38 -6.61 -9.42
CA ILE A 100 -18.02 -5.32 -9.22
C ILE A 100 -17.67 -4.32 -10.32
N ASN A 101 -16.37 -4.15 -10.56
CA ASN A 101 -15.91 -3.22 -11.57
C ASN A 101 -16.37 -3.59 -12.98
N LEU A 102 -16.59 -4.89 -13.22
CA LEU A 102 -17.06 -5.35 -14.53
C LEU A 102 -18.58 -5.56 -14.52
N GLY A 103 -19.19 -5.34 -13.35
CA GLY A 103 -20.63 -5.49 -13.20
C GLY A 103 -21.12 -6.90 -13.47
N LEU A 104 -20.46 -7.88 -12.86
CA LEU A 104 -20.80 -9.30 -13.06
C LEU A 104 -21.34 -10.01 -11.83
N GLN A 105 -21.19 -9.37 -10.68
CA GLN A 105 -21.62 -9.92 -9.41
C GLN A 105 -23.02 -10.53 -9.39
N ASN A 106 -23.99 -9.81 -9.94
CA ASN A 106 -25.37 -10.27 -9.97
C ASN A 106 -25.54 -11.57 -10.74
N ALA A 107 -25.08 -11.56 -12.00
CA ALA A 107 -25.17 -12.72 -12.87
C ALA A 107 -24.39 -13.91 -12.32
N CYS A 108 -23.16 -13.69 -11.89
CA CYS A 108 -22.34 -14.76 -11.34
C CYS A 108 -23.01 -15.39 -10.13
N ASP A 109 -23.66 -14.55 -9.32
CA ASP A 109 -24.35 -15.00 -8.12
C ASP A 109 -25.42 -16.03 -8.44
N GLU A 110 -26.23 -15.69 -9.43
CA GLU A 110 -27.31 -16.54 -9.89
C GLU A 110 -26.74 -17.80 -10.51
N ALA A 111 -25.74 -17.64 -11.38
CA ALA A 111 -25.11 -18.76 -12.06
C ALA A 111 -24.51 -19.76 -11.06
N ILE A 112 -23.71 -19.26 -10.14
CA ILE A 112 -23.11 -20.13 -9.13
C ILE A 112 -24.18 -20.77 -8.24
N TYR A 113 -25.32 -20.09 -8.11
CA TYR A 113 -26.42 -20.63 -7.30
C TYR A 113 -27.06 -21.80 -8.05
N GLN A 114 -27.19 -21.65 -9.36
CA GLN A 114 -27.79 -22.69 -10.19
C GLN A 114 -26.89 -23.92 -10.30
N LEU A 115 -25.60 -23.73 -10.02
CA LEU A 115 -24.61 -24.82 -10.06
C LEU A 115 -24.56 -25.54 -8.73
N GLY A 116 -25.37 -25.09 -7.77
CA GLY A 116 -25.39 -25.72 -6.46
C GLY A 116 -24.20 -25.41 -5.56
N LEU A 117 -23.59 -24.25 -5.74
CA LEU A 117 -22.44 -23.86 -4.93
C LEU A 117 -22.74 -22.63 -4.09
N ASP A 118 -21.95 -22.43 -3.03
CA ASP A 118 -22.10 -21.27 -2.15
C ASP A 118 -21.00 -20.28 -2.55
N ILE A 119 -21.40 -19.20 -3.23
CA ILE A 119 -20.42 -18.22 -3.70
C ILE A 119 -19.56 -17.57 -2.62
N GLU A 120 -20.12 -17.38 -1.42
CA GLU A 120 -19.34 -16.78 -0.34
C GLU A 120 -18.22 -17.72 0.08
N GLU A 121 -18.43 -19.02 -0.14
CA GLU A 121 -17.43 -20.02 0.21
C GLU A 121 -16.32 -20.09 -0.81
N LEU A 122 -16.67 -19.91 -2.08
CA LEU A 122 -15.67 -19.94 -3.13
C LEU A 122 -14.76 -18.73 -2.97
N GLU A 123 -15.37 -17.60 -2.63
CA GLU A 123 -14.68 -16.34 -2.43
C GLU A 123 -13.57 -16.39 -1.36
N GLU A 124 -13.85 -16.99 -0.21
CA GLU A 124 -12.87 -17.08 0.86
C GLU A 124 -11.67 -17.98 0.57
N ILE A 125 -11.74 -18.75 -0.51
CA ILE A 125 -10.65 -19.65 -0.92
C ILE A 125 -9.44 -18.84 -1.35
N GLU A 126 -9.70 -17.72 -2.01
CA GLU A 126 -8.64 -16.86 -2.54
C GLU A 126 -7.70 -16.27 -1.51
N GLU A 127 -6.41 -16.30 -1.85
CA GLU A 127 -5.36 -15.76 -1.00
C GLU A 127 -5.16 -14.30 -1.33
N ASP A 128 -4.60 -13.55 -0.39
CA ASP A 128 -4.27 -12.15 -0.61
C ASP A 128 -2.97 -12.19 -1.39
N ALA A 129 -2.86 -11.35 -2.41
CA ALA A 129 -1.64 -11.33 -3.21
C ALA A 129 -0.48 -10.89 -2.32
N GLY A 130 0.52 -11.77 -2.17
CA GLY A 130 1.68 -11.45 -1.36
C GLY A 130 2.61 -10.51 -2.13
N LEU A 131 2.06 -9.38 -2.56
CA LEU A 131 2.82 -8.41 -3.35
C LEU A 131 3.03 -7.06 -2.67
N GLY A 132 2.37 -6.86 -1.53
CA GLY A 132 2.51 -5.60 -0.80
C GLY A 132 2.79 -5.79 0.68
N ASN A 133 2.96 -4.68 1.40
CA ASN A 133 3.25 -4.75 2.84
C ASN A 133 2.52 -3.75 3.72
N GLY A 134 2.18 -2.58 3.18
CA GLY A 134 1.49 -1.59 3.97
C GLY A 134 0.83 -0.48 3.19
N GLY A 135 0.91 0.74 3.71
CA GLY A 135 0.31 1.91 3.07
C GLY A 135 0.92 2.35 1.76
N LEU A 136 2.24 2.28 1.66
CA LEU A 136 2.93 2.65 0.44
C LEU A 136 2.40 1.81 -0.74
N GLY A 137 2.25 0.50 -0.52
CA GLY A 137 1.77 -0.41 -1.54
C GLY A 137 0.27 -0.35 -1.79
N ARG A 138 -0.50 -0.06 -0.74
CA ARG A 138 -1.95 0.02 -0.87
C ARG A 138 -2.33 1.31 -1.61
N LEU A 139 -1.46 2.31 -1.50
CA LEU A 139 -1.68 3.59 -2.17
C LEU A 139 -1.58 3.29 -3.67
N ALA A 140 -0.50 2.58 -4.03
CA ALA A 140 -0.26 2.18 -5.41
C ALA A 140 -1.43 1.37 -5.95
N ALA A 141 -1.93 0.41 -5.16
CA ALA A 141 -3.06 -0.43 -5.55
C ALA A 141 -4.33 0.39 -5.81
N CYS A 142 -4.59 1.37 -4.93
CA CYS A 142 -5.76 2.25 -5.10
C CYS A 142 -5.56 3.12 -6.34
N PHE A 143 -4.32 3.55 -6.58
CA PHE A 143 -4.00 4.36 -7.75
C PHE A 143 -4.29 3.63 -9.04
N LEU A 144 -3.91 2.35 -9.08
CA LEU A 144 -4.15 1.50 -10.26
C LEU A 144 -5.62 1.43 -10.63
N ASP A 145 -6.46 1.25 -9.60
CA ASP A 145 -7.92 1.18 -9.77
C ASP A 145 -8.45 2.52 -10.29
N SER A 146 -7.89 3.61 -9.74
CA SER A 146 -8.31 4.96 -10.12
C SER A 146 -7.90 5.33 -11.53
N MET A 147 -6.66 5.00 -11.91
CA MET A 147 -6.18 5.32 -13.25
C MET A 147 -6.99 4.56 -14.34
N ALA A 148 -7.45 3.36 -14.00
CA ALA A 148 -8.27 2.55 -14.91
C ALA A 148 -9.70 3.10 -14.98
N THR A 149 -10.20 3.58 -13.85
CA THR A 149 -11.54 4.15 -13.77
C THR A 149 -11.55 5.51 -14.48
N LEU A 150 -10.41 6.20 -14.46
CA LEU A 150 -10.27 7.49 -15.10
C LEU A 150 -9.80 7.43 -16.56
N GLY A 151 -9.92 6.25 -17.16
CA GLY A 151 -9.53 6.05 -18.55
C GLY A 151 -8.10 6.38 -18.92
N LEU A 152 -7.18 6.30 -17.96
CA LEU A 152 -5.77 6.61 -18.23
C LEU A 152 -4.99 5.39 -18.67
N ALA A 153 -4.13 5.56 -19.66
CA ALA A 153 -3.28 4.48 -20.16
C ALA A 153 -2.13 4.33 -19.17
N ALA A 154 -2.44 3.72 -18.04
CA ALA A 154 -1.48 3.55 -16.95
C ALA A 154 -1.03 2.11 -16.68
N TYR A 155 0.20 1.99 -16.20
CA TYR A 155 0.78 0.69 -15.91
C TYR A 155 1.33 0.61 -14.51
N GLY A 156 1.29 -0.60 -13.95
CA GLY A 156 1.83 -0.81 -12.63
C GLY A 156 3.04 -1.68 -12.83
N TYR A 157 4.17 -1.25 -12.30
CA TYR A 157 5.42 -2.00 -12.42
C TYR A 157 6.10 -2.28 -11.10
N GLY A 158 6.38 -3.55 -10.85
CA GLY A 158 7.03 -3.95 -9.62
C GLY A 158 7.63 -5.35 -9.73
N ILE A 159 7.89 -5.94 -8.57
CA ILE A 159 8.46 -7.28 -8.46
C ILE A 159 7.40 -8.27 -8.01
N ARG A 160 7.44 -9.46 -8.59
CA ARG A 160 6.52 -10.52 -8.20
C ARG A 160 7.22 -11.28 -7.09
N TYR A 161 6.83 -11.00 -5.85
CA TYR A 161 7.45 -11.66 -4.72
C TYR A 161 6.85 -13.03 -4.58
N GLU A 162 7.70 -14.04 -4.70
CA GLU A 162 7.29 -15.44 -4.59
C GLU A 162 6.63 -15.71 -3.23
N TYR A 163 7.14 -15.04 -2.18
CA TYR A 163 6.61 -15.23 -0.82
C TYR A 163 6.21 -13.96 -0.07
N GLY A 164 6.13 -12.83 -0.76
CA GLY A 164 5.75 -11.57 -0.11
C GLY A 164 6.68 -11.19 1.03
N ILE A 165 6.12 -10.78 2.16
CA ILE A 165 6.95 -10.43 3.31
C ILE A 165 6.91 -11.57 4.33
N PHE A 166 5.69 -12.00 4.66
CA PHE A 166 5.42 -13.11 5.60
C PHE A 166 3.99 -12.96 6.10
N ASN A 167 3.42 -14.05 6.61
CA ASN A 167 2.08 -14.03 7.17
C ASN A 167 2.25 -14.08 8.69
N GLN A 168 1.44 -13.34 9.43
CA GLN A 168 1.54 -13.35 10.88
C GLN A 168 0.63 -14.36 11.55
N LYS A 169 1.18 -15.07 12.52
CA LYS A 169 0.40 -16.03 13.28
C LYS A 169 0.72 -15.83 14.76
N ILE A 170 -0.31 -15.84 15.58
CA ILE A 170 -0.14 -15.65 17.00
C ILE A 170 -0.30 -16.95 17.79
N ARG A 171 0.80 -17.56 18.17
CA ARG A 171 0.74 -18.79 18.95
C ARG A 171 1.39 -18.61 20.33
N ASP A 172 0.57 -18.77 21.36
CA ASP A 172 0.95 -18.60 22.75
C ASP A 172 1.21 -17.12 23.05
N GLY A 173 0.35 -16.28 22.48
CA GLY A 173 0.44 -14.84 22.68
C GLY A 173 1.46 -14.04 21.89
N TRP A 174 2.58 -14.64 21.50
CA TRP A 174 3.60 -13.94 20.74
C TRP A 174 3.35 -14.00 19.24
N GLN A 175 4.12 -13.22 18.48
CA GLN A 175 4.01 -13.23 17.04
C GLN A 175 5.08 -14.10 16.40
N VAL A 176 4.65 -14.97 15.50
CA VAL A 176 5.57 -15.84 14.79
C VAL A 176 5.28 -15.64 13.29
N GLU A 177 6.32 -15.27 12.54
CA GLU A 177 6.19 -15.04 11.10
C GLU A 177 6.23 -16.34 10.29
N GLU A 178 5.35 -16.44 9.30
CA GLU A 178 5.29 -17.62 8.44
C GLU A 178 5.53 -17.19 7.00
N ALA A 179 6.05 -18.09 6.17
CA ALA A 179 6.28 -17.77 4.76
C ALA A 179 4.95 -17.66 4.03
N ASP A 180 4.71 -16.50 3.41
CA ASP A 180 3.49 -16.26 2.68
C ASP A 180 3.55 -16.93 1.32
N ASP A 181 3.29 -18.24 1.28
CA ASP A 181 3.34 -18.92 -0.01
C ASP A 181 1.97 -18.88 -0.67
N TRP A 182 1.61 -17.68 -1.09
CA TRP A 182 0.34 -17.42 -1.73
C TRP A 182 0.20 -18.11 -3.10
N LEU A 183 1.34 -18.45 -3.70
CA LEU A 183 1.38 -19.10 -5.01
C LEU A 183 1.31 -20.65 -4.99
N ARG A 184 1.27 -21.25 -3.80
CA ARG A 184 1.21 -22.70 -3.64
C ARG A 184 0.28 -23.42 -4.61
N TYR A 185 -0.91 -22.87 -4.83
CA TYR A 185 -1.86 -23.49 -5.74
C TYR A 185 -2.05 -22.66 -6.99
N GLY A 186 -1.18 -21.68 -7.16
CA GLY A 186 -1.25 -20.82 -8.35
C GLY A 186 -2.10 -19.56 -8.24
N ASN A 187 -1.89 -18.67 -9.20
CA ASN A 187 -2.61 -17.41 -9.27
C ASN A 187 -3.30 -17.31 -10.65
N PRO A 188 -4.62 -17.54 -10.68
CA PRO A 188 -5.40 -17.49 -11.93
C PRO A 188 -5.55 -16.08 -12.51
N TRP A 189 -5.10 -15.06 -11.79
CA TRP A 189 -5.23 -13.69 -12.27
C TRP A 189 -4.02 -13.17 -13.05
N GLU A 190 -2.90 -13.90 -12.96
CA GLU A 190 -1.68 -13.51 -13.66
C GLU A 190 -1.40 -14.37 -14.89
N LYS A 191 -0.47 -13.89 -15.70
CA LYS A 191 -0.08 -14.58 -16.92
C LYS A 191 1.40 -14.30 -17.19
N SER A 192 2.23 -15.33 -17.05
CA SER A 192 3.67 -15.19 -17.30
C SER A 192 3.94 -15.00 -18.80
N ARG A 193 5.09 -14.43 -19.11
CA ARG A 193 5.48 -14.21 -20.48
C ARG A 193 6.90 -14.76 -20.70
N PRO A 194 7.03 -16.11 -20.77
CA PRO A 194 8.32 -16.78 -20.96
C PRO A 194 9.03 -16.41 -22.25
N GLU A 195 8.27 -16.01 -23.27
CA GLU A 195 8.86 -15.62 -24.54
C GLU A 195 9.40 -14.17 -24.52
N PHE A 196 9.26 -13.50 -23.39
CA PHE A 196 9.72 -12.12 -23.26
C PHE A 196 10.47 -11.85 -21.96
N MET A 197 11.68 -12.37 -21.86
CA MET A 197 12.51 -12.17 -20.68
C MET A 197 13.62 -11.16 -20.93
N LEU A 198 13.71 -10.16 -20.06
CA LEU A 198 14.71 -9.12 -20.21
C LEU A 198 15.94 -9.36 -19.36
N PRO A 199 17.14 -9.14 -19.93
CA PRO A 199 18.39 -9.33 -19.21
C PRO A 199 18.70 -8.18 -18.27
N VAL A 200 19.10 -8.52 -17.06
CA VAL A 200 19.46 -7.53 -16.04
C VAL A 200 20.89 -7.83 -15.59
N HIS A 201 21.80 -6.92 -15.90
CA HIS A 201 23.21 -7.10 -15.55
C HIS A 201 23.62 -6.61 -14.16
N PHE A 202 24.66 -7.23 -13.61
CA PHE A 202 25.20 -6.90 -12.30
C PHE A 202 26.72 -7.09 -12.32
N TYR A 203 27.39 -6.38 -11.40
CA TYR A 203 28.84 -6.43 -11.27
C TYR A 203 29.54 -6.05 -12.56
N GLY A 204 30.63 -6.73 -12.89
CA GLY A 204 31.35 -6.42 -14.10
C GLY A 204 32.24 -5.19 -13.97
N LYS A 205 32.67 -4.66 -15.10
CA LYS A 205 33.55 -3.51 -15.14
C LYS A 205 33.29 -2.62 -16.34
N VAL A 206 33.68 -1.36 -16.22
CA VAL A 206 33.48 -0.39 -17.30
C VAL A 206 34.67 -0.36 -18.23
N GLU A 207 34.40 -0.26 -19.53
CA GLU A 207 35.44 -0.21 -20.56
C GLU A 207 35.17 0.94 -21.53
N HIS A 208 35.90 2.04 -21.35
CA HIS A 208 35.77 3.20 -22.22
C HIS A 208 36.48 2.92 -23.53
N THR A 209 35.70 2.60 -24.56
CA THR A 209 36.26 2.31 -25.88
C THR A 209 36.22 3.52 -26.79
N ASN A 210 36.49 3.27 -28.06
CA ASN A 210 36.49 4.31 -29.09
C ASN A 210 35.02 4.65 -29.40
N THR A 211 34.22 3.61 -29.55
CA THR A 211 32.81 3.76 -29.88
C THR A 211 31.88 3.81 -28.66
N GLY A 212 32.40 4.29 -27.53
CA GLY A 212 31.57 4.42 -26.35
C GLY A 212 32.02 3.72 -25.08
N THR A 213 31.27 3.94 -24.00
CA THR A 213 31.55 3.35 -22.69
C THR A 213 30.83 1.99 -22.64
N LYS A 214 31.56 0.96 -22.22
CA LYS A 214 31.00 -0.38 -22.16
C LYS A 214 31.02 -0.98 -20.77
N TRP A 215 29.90 -1.61 -20.41
CA TRP A 215 29.76 -2.26 -19.12
C TRP A 215 29.87 -3.76 -19.43
N ILE A 216 31.06 -4.30 -19.21
CA ILE A 216 31.36 -5.71 -19.51
C ILE A 216 31.63 -6.57 -18.27
N ASP A 217 31.80 -7.87 -18.52
CA ASP A 217 32.09 -8.87 -17.49
C ASP A 217 31.01 -9.00 -16.42
N THR A 218 29.76 -8.75 -16.82
CA THR A 218 28.63 -8.79 -15.90
C THR A 218 27.98 -10.16 -15.66
N GLN A 219 27.13 -10.22 -14.64
CA GLN A 219 26.38 -11.41 -14.30
C GLN A 219 24.94 -11.09 -14.70
N VAL A 220 24.41 -11.83 -15.67
CA VAL A 220 23.05 -11.60 -16.13
C VAL A 220 22.03 -12.33 -15.28
N VAL A 221 20.86 -11.71 -15.12
CA VAL A 221 19.74 -12.25 -14.38
C VAL A 221 18.53 -11.91 -15.25
N LEU A 222 17.69 -12.90 -15.53
CA LEU A 222 16.53 -12.67 -16.36
C LEU A 222 15.31 -12.20 -15.58
N ALA A 223 14.58 -11.28 -16.19
CA ALA A 223 13.36 -10.75 -15.61
C ALA A 223 12.23 -11.32 -16.43
N LEU A 224 11.40 -12.14 -15.79
CA LEU A 224 10.25 -12.76 -16.43
C LEU A 224 9.02 -12.02 -15.92
N PRO A 225 8.32 -11.30 -16.82
CA PRO A 225 7.13 -10.54 -16.46
C PRO A 225 5.88 -11.37 -16.28
N TYR A 226 5.06 -10.96 -15.32
CA TYR A 226 3.77 -11.61 -15.07
C TYR A 226 2.73 -10.51 -15.17
N ASP A 227 1.80 -10.67 -16.11
CA ASP A 227 0.77 -9.69 -16.34
C ASP A 227 -0.56 -9.96 -15.68
N THR A 228 -1.07 -8.95 -14.96
CA THR A 228 -2.35 -9.03 -14.26
C THR A 228 -3.17 -7.80 -14.66
N PRO A 229 -4.39 -8.00 -15.17
CA PRO A 229 -5.28 -6.91 -15.58
C PRO A 229 -5.95 -6.19 -14.40
N VAL A 230 -5.92 -4.87 -14.41
CA VAL A 230 -6.53 -4.05 -13.36
C VAL A 230 -7.78 -3.40 -13.98
N PRO A 231 -8.98 -3.79 -13.54
CA PRO A 231 -10.21 -3.22 -14.10
C PRO A 231 -10.72 -1.90 -13.54
N GLY A 232 -11.15 -1.03 -14.46
CA GLY A 232 -11.72 0.25 -14.10
C GLY A 232 -13.19 0.02 -13.75
N TYR A 233 -13.81 0.95 -13.05
CA TYR A 233 -15.20 0.78 -12.69
C TYR A 233 -16.19 1.07 -13.82
N MET A 234 -16.88 0.01 -14.23
CA MET A 234 -17.89 0.06 -15.27
C MET A 234 -17.59 0.81 -16.56
N ASN A 235 -16.32 0.89 -16.95
CA ASN A 235 -15.97 1.59 -18.18
C ASN A 235 -15.28 0.71 -19.22
N ASN A 236 -15.29 -0.60 -19.00
CA ASN A 236 -14.66 -1.57 -19.92
C ASN A 236 -13.15 -1.35 -20.10
N THR A 237 -12.58 -0.46 -19.30
CA THR A 237 -11.17 -0.17 -19.39
C THR A 237 -10.41 -1.01 -18.36
N VAL A 238 -9.55 -1.89 -18.87
CA VAL A 238 -8.73 -2.74 -18.03
C VAL A 238 -7.29 -2.44 -18.38
N ASN A 239 -6.52 -2.07 -17.36
CA ASN A 239 -5.12 -1.76 -17.53
C ASN A 239 -4.23 -2.94 -17.11
N THR A 240 -2.92 -2.74 -17.17
CA THR A 240 -1.93 -3.77 -16.88
C THR A 240 -1.01 -3.53 -15.68
N MET A 241 -0.86 -4.56 -14.84
CA MET A 241 0.10 -4.50 -13.75
C MET A 241 1.09 -5.60 -14.16
N ARG A 242 2.34 -5.21 -14.44
CA ARG A 242 3.38 -6.15 -14.85
C ARG A 242 4.48 -6.26 -13.79
N LEU A 243 4.53 -7.44 -13.15
CA LEU A 243 5.50 -7.73 -12.11
C LEU A 243 6.57 -8.67 -12.64
N TRP A 244 7.83 -8.36 -12.33
CA TRP A 244 8.98 -9.13 -12.76
C TRP A 244 9.37 -10.23 -11.77
N SER A 245 9.79 -11.36 -12.32
CA SER A 245 10.21 -12.52 -11.53
C SER A 245 11.64 -12.86 -11.92
N ALA A 246 12.52 -12.97 -10.93
CA ALA A 246 13.92 -13.28 -11.21
C ALA A 246 14.17 -14.73 -11.62
N ARG A 247 14.92 -14.90 -12.70
CA ARG A 247 15.27 -16.23 -13.22
C ARG A 247 16.70 -16.18 -13.77
N ALA A 248 17.41 -17.30 -13.66
CA ALA A 248 18.77 -17.39 -14.18
C ALA A 248 18.74 -17.66 -15.70
N PRO A 249 19.68 -17.09 -16.47
CA PRO A 249 19.76 -17.27 -17.92
C PRO A 249 19.82 -18.74 -18.32
N ASN A 250 20.52 -19.52 -17.49
CA ASN A 250 20.66 -20.95 -17.68
C ASN A 250 20.40 -21.55 -16.30
N ASP A 251 19.14 -21.89 -16.04
CA ASP A 251 18.74 -22.43 -14.75
C ASP A 251 19.17 -23.87 -14.46
N PHE A 252 19.91 -24.47 -15.39
CA PHE A 252 20.38 -25.83 -15.21
C PHE A 252 21.59 -26.14 -16.06
N ASN A 253 22.66 -26.57 -15.40
CA ASN A 253 23.89 -26.93 -16.06
C ASN A 253 23.99 -28.47 -16.12
N LEU A 254 23.92 -29.03 -17.33
CA LEU A 254 24.00 -30.48 -17.53
C LEU A 254 25.38 -31.03 -17.15
N ARG A 255 26.42 -30.31 -17.55
CA ARG A 255 27.81 -30.70 -17.26
C ARG A 255 28.06 -30.98 -15.79
N ASP A 256 27.52 -30.12 -14.93
CA ASP A 256 27.69 -30.27 -13.49
C ASP A 256 26.88 -31.43 -12.93
N PHE A 257 25.75 -31.73 -13.55
CA PHE A 257 24.90 -32.83 -13.09
C PHE A 257 25.56 -34.19 -13.33
N ASN A 258 26.28 -34.32 -14.44
CA ASN A 258 26.97 -35.56 -14.78
C ASN A 258 28.17 -35.81 -13.87
N VAL A 259 28.73 -34.72 -13.35
CA VAL A 259 29.89 -34.79 -12.46
C VAL A 259 29.45 -34.99 -11.00
N GLY A 260 28.16 -34.78 -10.74
CA GLY A 260 27.65 -34.94 -9.40
C GLY A 260 27.55 -33.64 -8.64
N ASP A 261 27.82 -32.53 -9.33
CA ASP A 261 27.74 -31.21 -8.72
C ASP A 261 26.30 -30.74 -8.79
N TYR A 262 25.44 -31.41 -8.00
CA TYR A 262 24.01 -31.14 -7.93
C TYR A 262 23.63 -29.75 -7.42
N ILE A 263 24.55 -29.11 -6.71
CA ILE A 263 24.32 -27.76 -6.21
C ILE A 263 24.78 -26.79 -7.31
N GLN A 264 25.96 -27.07 -7.87
CA GLN A 264 26.54 -26.25 -8.92
C GLN A 264 25.63 -26.18 -10.14
N ALA A 265 25.12 -27.34 -10.55
CA ALA A 265 24.24 -27.45 -11.71
C ALA A 265 23.08 -26.46 -11.69
N VAL A 266 22.58 -26.19 -10.48
CA VAL A 266 21.46 -25.29 -10.28
C VAL A 266 21.88 -24.09 -9.41
N LEU A 267 23.18 -23.80 -9.43
CA LEU A 267 23.76 -22.68 -8.67
C LEU A 267 23.21 -21.32 -9.07
N ASP A 268 23.29 -21.01 -10.37
CA ASP A 268 22.80 -19.73 -10.88
C ASP A 268 21.29 -19.55 -10.62
N ARG A 269 20.58 -20.67 -10.49
CA ARG A 269 19.15 -20.65 -10.24
C ARG A 269 18.79 -19.95 -8.94
N ASN A 270 19.44 -20.34 -7.84
CA ASN A 270 19.17 -19.74 -6.53
C ASN A 270 19.53 -18.27 -6.46
N LEU A 271 20.75 -17.92 -6.85
CA LEU A 271 21.20 -16.54 -6.78
C LEU A 271 20.21 -15.58 -7.41
N ALA A 272 19.83 -15.85 -8.65
CA ALA A 272 18.89 -15.02 -9.38
C ALA A 272 17.53 -14.91 -8.69
N GLU A 273 16.99 -16.04 -8.25
CA GLU A 273 15.68 -16.08 -7.62
C GLU A 273 15.54 -15.43 -6.24
N ASN A 274 16.66 -15.15 -5.58
CA ASN A 274 16.62 -14.50 -4.26
C ASN A 274 16.03 -13.10 -4.40
N ILE A 275 16.26 -12.50 -5.56
CA ILE A 275 15.78 -11.16 -5.88
C ILE A 275 14.26 -11.02 -5.69
N SER A 276 13.49 -11.87 -6.34
CA SER A 276 12.04 -11.83 -6.24
C SER A 276 11.50 -12.81 -5.20
N ARG A 277 12.34 -13.19 -4.25
CA ARG A 277 11.92 -14.13 -3.20
C ARG A 277 10.99 -13.48 -2.17
N VAL A 278 11.50 -12.50 -1.42
CA VAL A 278 10.67 -11.80 -0.44
C VAL A 278 10.74 -10.29 -0.54
N LEU A 279 9.73 -9.66 0.04
CA LEU A 279 9.59 -8.20 0.09
C LEU A 279 10.35 -7.69 1.33
N TYR A 280 11.18 -6.68 1.12
CA TYR A 280 11.98 -6.06 2.20
C TYR A 280 12.86 -7.06 2.97
N PRO A 281 13.77 -7.76 2.28
CA PRO A 281 14.66 -8.73 2.94
C PRO A 281 15.53 -8.07 4.02
N ASN A 282 15.81 -8.80 5.09
CA ASN A 282 16.64 -8.30 6.20
C ASN A 282 17.94 -7.66 5.72
N ASP A 283 18.00 -6.34 5.83
CA ASP A 283 19.17 -5.57 5.42
C ASP A 283 20.22 -5.32 6.51
N ASN A 284 20.03 -5.95 7.68
CA ASN A 284 20.95 -5.77 8.81
C ASN A 284 22.37 -6.29 8.58
N PHE A 285 22.65 -6.72 7.36
CA PHE A 285 23.98 -7.23 7.01
C PHE A 285 24.20 -7.08 5.51
N PHE A 286 25.47 -6.93 5.12
CA PHE A 286 25.87 -6.75 3.72
C PHE A 286 25.06 -7.59 2.73
N GLU A 287 24.97 -8.90 2.98
CA GLU A 287 24.24 -9.81 2.12
C GLU A 287 22.81 -9.35 1.86
N GLY A 288 22.08 -9.07 2.93
CA GLY A 288 20.70 -8.61 2.81
C GLY A 288 20.61 -7.19 2.28
N LYS A 289 21.63 -6.39 2.58
CA LYS A 289 21.68 -5.01 2.13
C LYS A 289 21.87 -5.01 0.61
N GLU A 290 22.83 -5.81 0.15
CA GLU A 290 23.14 -5.93 -1.28
C GLU A 290 21.95 -6.47 -2.07
N LEU A 291 21.13 -7.30 -1.43
CA LEU A 291 19.95 -7.88 -2.07
C LEU A 291 18.86 -6.84 -2.35
N ARG A 292 18.71 -5.88 -1.43
CA ARG A 292 17.72 -4.82 -1.62
C ARG A 292 18.12 -3.96 -2.82
N LEU A 293 19.42 -3.73 -2.97
CA LEU A 293 19.94 -2.95 -4.07
C LEU A 293 19.69 -3.73 -5.37
N LYS A 294 19.95 -5.04 -5.34
CA LYS A 294 19.73 -5.89 -6.52
C LYS A 294 18.25 -5.86 -6.89
N GLN A 295 17.38 -5.94 -5.88
CA GLN A 295 15.92 -5.88 -6.10
C GLN A 295 15.55 -4.55 -6.69
N GLU A 296 16.16 -3.47 -6.20
CA GLU A 296 15.86 -2.13 -6.70
C GLU A 296 16.31 -1.95 -8.14
N TYR A 297 17.50 -2.43 -8.47
CA TYR A 297 17.99 -2.31 -9.85
C TYR A 297 17.17 -3.20 -10.78
N PHE A 298 16.88 -4.41 -10.30
CA PHE A 298 16.11 -5.40 -11.03
C PHE A 298 14.82 -4.84 -11.62
N VAL A 299 13.98 -4.22 -10.78
CA VAL A 299 12.69 -3.62 -11.20
C VAL A 299 12.94 -2.51 -12.20
N VAL A 300 13.94 -1.69 -11.91
CA VAL A 300 14.31 -0.56 -12.74
C VAL A 300 14.74 -0.96 -14.14
N ALA A 301 15.80 -1.76 -14.20
CA ALA A 301 16.38 -2.22 -15.46
C ALA A 301 15.37 -2.87 -16.39
N ALA A 302 14.62 -3.84 -15.87
CA ALA A 302 13.62 -4.55 -16.64
C ALA A 302 12.47 -3.66 -17.08
N THR A 303 11.94 -2.85 -16.16
CA THR A 303 10.83 -1.95 -16.47
C THR A 303 11.18 -0.95 -17.58
N LEU A 304 12.33 -0.29 -17.45
CA LEU A 304 12.75 0.70 -18.43
C LEU A 304 12.92 0.14 -19.85
N GLN A 305 13.52 -1.05 -19.94
CA GLN A 305 13.71 -1.71 -21.23
C GLN A 305 12.36 -1.96 -21.88
N ASP A 306 11.39 -2.36 -21.06
CA ASP A 306 10.05 -2.65 -21.53
C ASP A 306 9.39 -1.37 -22.07
N ILE A 307 9.54 -0.28 -21.30
CA ILE A 307 8.96 1.00 -21.69
C ILE A 307 9.54 1.50 -23.01
N ILE A 308 10.87 1.40 -23.16
CA ILE A 308 11.55 1.84 -24.39
C ILE A 308 11.04 1.02 -25.57
N ARG A 309 10.91 -0.28 -25.35
CA ARG A 309 10.43 -1.23 -26.35
C ARG A 309 9.05 -0.82 -26.86
N ARG A 310 8.11 -0.65 -25.93
CA ARG A 310 6.77 -0.26 -26.31
C ARG A 310 6.76 1.14 -26.92
N PHE A 311 7.68 2.01 -26.48
CA PHE A 311 7.75 3.35 -27.03
C PHE A 311 8.15 3.30 -28.49
N LYS A 312 9.27 2.66 -28.79
CA LYS A 312 9.73 2.54 -30.17
C LYS A 312 8.64 1.93 -31.05
N ALA A 313 7.98 0.89 -30.54
CA ALA A 313 6.93 0.19 -31.28
C ALA A 313 5.64 1.01 -31.46
N SER A 314 5.49 2.08 -30.70
CA SER A 314 4.30 2.92 -30.78
C SER A 314 4.02 3.48 -32.16
N LYS A 315 2.74 3.76 -32.43
CA LYS A 315 2.29 4.29 -33.71
C LYS A 315 3.14 5.41 -34.28
N PHE A 316 3.14 6.57 -33.63
CA PHE A 316 3.96 7.66 -34.14
C PHE A 316 5.43 7.40 -33.85
N GLY A 317 5.69 6.45 -32.95
CA GLY A 317 7.05 6.10 -32.57
C GLY A 317 7.92 5.48 -33.66
N SER A 318 9.22 5.70 -33.53
CA SER A 318 10.23 5.20 -34.47
C SER A 318 9.90 5.42 -35.94
N THR A 319 11.50 6.03 -36.08
CA THR A 319 12.03 6.47 -37.30
C THR A 319 12.80 7.68 -37.21
N ARG A 320 13.00 7.89 -38.33
CA ARG A 320 13.36 9.19 -38.90
C ARG A 320 12.23 9.73 -39.75
N GLY A 321 11.75 10.45 -38.93
CA GLY A 321 10.79 11.40 -38.94
C GLY A 321 11.48 12.00 -37.77
N ALA A 322 11.44 11.32 -37.45
CA ALA A 322 11.51 11.40 -36.00
C ALA A 322 12.83 11.99 -35.52
N GLY A 323 13.71 12.34 -36.45
CA GLY A 323 15.04 12.88 -36.12
C GLY A 323 15.56 11.88 -35.10
N THR A 324 15.37 12.21 -33.83
CA THR A 324 15.72 11.33 -32.73
C THR A 324 14.37 10.83 -32.23
N VAL A 325 14.15 9.53 -32.34
CA VAL A 325 12.88 8.93 -31.90
C VAL A 325 12.54 9.25 -30.46
N PHE A 326 13.56 9.60 -29.67
CA PHE A 326 13.38 9.91 -28.26
C PHE A 326 13.10 11.39 -27.93
N ASP A 327 13.02 12.24 -28.96
CA ASP A 327 12.73 13.65 -28.76
C ASP A 327 11.35 13.82 -28.13
N ALA A 328 10.41 12.98 -28.55
CA ALA A 328 9.05 13.01 -28.03
C ALA A 328 8.83 12.07 -26.86
N PHE A 329 9.89 11.41 -26.39
CA PHE A 329 9.79 10.47 -25.29
C PHE A 329 8.99 10.97 -24.06
N PRO A 330 9.37 12.14 -23.49
CA PRO A 330 8.63 12.67 -22.33
C PRO A 330 7.21 13.13 -22.65
N ASP A 331 6.85 13.11 -23.93
CA ASP A 331 5.51 13.50 -24.34
C ASP A 331 4.66 12.23 -24.49
N GLN A 332 5.34 11.08 -24.47
CA GLN A 332 4.70 9.78 -24.60
C GLN A 332 4.89 8.89 -23.38
N VAL A 333 5.78 9.30 -22.49
CA VAL A 333 6.05 8.52 -21.29
C VAL A 333 6.14 9.40 -20.05
N ALA A 334 5.57 8.89 -18.96
CA ALA A 334 5.60 9.55 -17.66
C ALA A 334 5.88 8.44 -16.67
N ILE A 335 6.93 8.56 -15.88
CA ILE A 335 7.25 7.53 -14.91
C ILE A 335 7.21 8.06 -13.48
N GLN A 336 6.29 7.54 -12.66
CA GLN A 336 6.17 7.96 -11.28
C GLN A 336 7.00 7.10 -10.33
N LEU A 337 7.90 7.77 -9.61
CA LEU A 337 8.78 7.16 -8.64
C LEU A 337 8.16 7.17 -7.25
N ASN A 338 7.50 6.07 -6.89
CA ASN A 338 6.87 5.94 -5.58
C ASN A 338 7.96 5.69 -4.53
N ASP A 339 8.30 6.74 -3.79
CA ASP A 339 9.35 6.70 -2.77
C ASP A 339 10.71 6.70 -3.50
N THR A 340 11.79 6.40 -2.79
CA THR A 340 13.11 6.41 -3.43
C THR A 340 13.62 5.06 -3.90
N HIS A 341 12.89 3.99 -3.59
CA HIS A 341 13.27 2.62 -3.96
C HIS A 341 13.65 2.44 -5.43
N PRO A 342 12.89 3.07 -6.35
CA PRO A 342 13.23 2.93 -7.78
C PRO A 342 14.09 4.11 -8.28
N ALA A 343 14.81 4.76 -7.36
CA ALA A 343 15.66 5.91 -7.70
C ALA A 343 16.67 5.58 -8.79
N LEU A 344 17.07 4.30 -8.85
CA LEU A 344 18.03 3.83 -9.84
C LEU A 344 17.55 4.01 -11.29
N ALA A 345 16.25 4.26 -11.46
CA ALA A 345 15.68 4.45 -12.79
C ALA A 345 16.22 5.69 -13.50
N ILE A 346 16.71 6.66 -12.73
CA ILE A 346 17.27 7.88 -13.32
C ILE A 346 18.61 7.57 -13.99
N PRO A 347 19.60 7.04 -13.25
CA PRO A 347 20.90 6.72 -13.88
C PRO A 347 20.76 5.67 -15.00
N GLU A 348 19.81 4.74 -14.81
CA GLU A 348 19.58 3.68 -15.79
C GLU A 348 19.08 4.24 -17.10
N LEU A 349 18.02 5.05 -17.05
CA LEU A 349 17.49 5.65 -18.27
C LEU A 349 18.61 6.41 -18.97
N MET A 350 19.47 7.03 -18.16
CA MET A 350 20.61 7.78 -18.69
C MET A 350 21.61 6.83 -19.34
N ARG A 351 21.79 5.65 -18.74
CA ARG A 351 22.70 4.64 -19.25
C ARG A 351 22.23 4.12 -20.62
N ILE A 352 20.94 3.82 -20.69
CA ILE A 352 20.34 3.34 -21.93
C ILE A 352 20.49 4.42 -23.01
N PHE A 353 20.04 5.63 -22.67
CA PHE A 353 20.10 6.76 -23.60
C PHE A 353 21.49 7.08 -24.14
N VAL A 354 22.47 7.20 -23.25
CA VAL A 354 23.82 7.55 -23.64
C VAL A 354 24.63 6.40 -24.21
N ASP A 355 24.74 5.30 -23.46
CA ASP A 355 25.54 4.17 -23.91
C ASP A 355 24.95 3.38 -25.06
N ILE A 356 23.68 3.01 -24.95
CA ILE A 356 23.03 2.20 -25.97
C ILE A 356 22.47 2.95 -27.17
N GLU A 357 21.72 4.04 -26.90
CA GLU A 357 21.12 4.84 -27.97
C GLU A 357 22.06 5.90 -28.54
N LYS A 358 23.22 6.07 -27.91
CA LYS A 358 24.23 7.04 -28.33
C LYS A 358 23.80 8.50 -28.38
N LEU A 359 22.85 8.88 -27.53
CA LEU A 359 22.38 10.27 -27.48
C LEU A 359 23.32 11.09 -26.61
N PRO A 360 23.46 12.39 -26.90
CA PRO A 360 24.36 13.25 -26.11
C PRO A 360 23.89 13.32 -24.65
N TRP A 361 24.85 13.23 -23.72
CA TRP A 361 24.58 13.27 -22.28
C TRP A 361 23.59 14.38 -21.92
N SER A 362 23.81 15.58 -22.45
CA SER A 362 22.95 16.73 -22.18
C SER A 362 21.55 16.53 -22.71
N LYS A 363 21.43 15.94 -23.90
CA LYS A 363 20.14 15.67 -24.54
C LYS A 363 19.36 14.62 -23.74
N ALA A 364 20.08 13.60 -23.27
CA ALA A 364 19.50 12.52 -22.49
C ALA A 364 19.02 13.02 -21.13
N TRP A 365 19.83 13.83 -20.47
CA TRP A 365 19.48 14.37 -19.17
C TRP A 365 18.21 15.23 -19.27
N GLU A 366 18.09 16.00 -20.33
CA GLU A 366 16.90 16.82 -20.52
C GLU A 366 15.68 15.89 -20.60
N LEU A 367 15.79 14.88 -21.45
CA LEU A 367 14.72 13.91 -21.64
C LEU A 367 14.36 13.23 -20.34
N THR A 368 15.39 12.85 -19.59
CA THR A 368 15.24 12.14 -18.32
C THR A 368 14.38 12.86 -17.29
N GLN A 369 14.77 14.09 -16.97
CA GLN A 369 14.05 14.92 -16.00
C GLN A 369 12.57 15.09 -16.33
N LYS A 370 12.27 15.32 -17.61
CA LYS A 370 10.90 15.51 -18.04
C LYS A 370 10.10 14.21 -17.92
N THR A 371 10.81 13.08 -17.83
CA THR A 371 10.18 11.76 -17.73
C THR A 371 9.84 11.36 -16.28
N PHE A 372 10.76 11.62 -15.35
CA PHE A 372 10.54 11.26 -13.95
C PHE A 372 9.88 12.29 -13.02
N ALA A 373 9.10 11.78 -12.08
CA ALA A 373 8.39 12.56 -11.09
C ALA A 373 8.53 11.77 -9.81
N TYR A 374 9.04 12.41 -8.77
CA TYR A 374 9.29 11.78 -7.47
C TYR A 374 8.22 12.05 -6.41
N THR A 375 7.96 11.02 -5.59
CA THR A 375 6.96 11.11 -4.52
C THR A 375 7.60 10.76 -3.18
N ASN A 376 7.59 11.72 -2.27
CA ASN A 376 8.16 11.54 -0.95
C ASN A 376 7.05 11.12 -0.01
N HIS A 377 7.26 10.01 0.70
CA HIS A 377 6.28 9.48 1.66
C HIS A 377 6.78 9.67 3.09
N THR A 378 8.09 9.64 3.25
CA THR A 378 8.73 9.78 4.54
C THR A 378 9.31 11.19 4.67
N VAL A 379 8.79 11.95 5.63
CA VAL A 379 9.23 13.32 5.87
C VAL A 379 10.51 13.42 6.69
N LEU A 380 10.85 12.35 7.39
CA LEU A 380 12.03 12.30 8.25
C LEU A 380 13.33 12.23 7.45
N PRO A 381 14.22 13.23 7.62
CA PRO A 381 15.51 13.27 6.91
C PRO A 381 16.46 12.17 7.39
N GLU A 382 16.24 11.70 8.62
CA GLU A 382 17.05 10.63 9.21
C GLU A 382 16.67 9.31 8.54
N ALA A 383 15.48 9.30 7.92
CA ALA A 383 14.96 8.11 7.24
C ALA A 383 15.06 8.18 5.71
N LEU A 384 15.95 9.01 5.18
CA LEU A 384 16.12 9.10 3.73
C LEU A 384 17.08 8.01 3.30
N GLU A 385 16.70 7.25 2.27
CA GLU A 385 17.51 6.14 1.75
C GLU A 385 18.90 6.57 1.27
N ARG A 386 19.92 5.90 1.79
CA ARG A 386 21.31 6.17 1.42
C ARG A 386 21.97 4.85 1.05
N TRP A 387 22.87 4.89 0.09
CA TRP A 387 23.59 3.69 -0.32
C TRP A 387 25.09 3.92 -0.28
N PRO A 388 25.85 2.94 0.20
CA PRO A 388 27.30 3.11 0.23
C PRO A 388 27.78 3.11 -1.22
N VAL A 389 28.54 4.13 -1.60
CA VAL A 389 29.04 4.23 -2.97
C VAL A 389 29.85 2.97 -3.30
N ASP A 390 30.40 2.37 -2.24
CA ASP A 390 31.22 1.17 -2.33
C ASP A 390 30.38 -0.01 -2.82
N LEU A 391 29.18 -0.12 -2.29
CA LEU A 391 28.26 -1.20 -2.66
C LEU A 391 27.79 -1.02 -4.10
N VAL A 392 27.50 0.24 -4.48
CA VAL A 392 27.06 0.56 -5.83
C VAL A 392 28.22 0.36 -6.82
N GLU A 393 29.42 0.72 -6.39
CA GLU A 393 30.60 0.59 -7.22
C GLU A 393 30.86 -0.86 -7.63
N LYS A 394 30.61 -1.78 -6.70
CA LYS A 394 30.82 -3.20 -6.96
C LYS A 394 29.73 -3.79 -7.85
N LEU A 395 28.48 -3.55 -7.44
CA LEU A 395 27.29 -4.06 -8.13
C LEU A 395 26.95 -3.34 -9.44
N LEU A 396 26.96 -2.01 -9.42
CA LEU A 396 26.62 -1.24 -10.60
C LEU A 396 27.70 -0.17 -10.88
N PRO A 397 28.88 -0.60 -11.37
CA PRO A 397 30.01 0.29 -11.69
C PRO A 397 29.67 1.45 -12.64
N ARG A 398 29.08 1.12 -13.79
CA ARG A 398 28.68 2.11 -14.79
C ARG A 398 27.68 3.08 -14.19
N HIS A 399 26.94 2.61 -13.18
CA HIS A 399 25.93 3.44 -12.53
C HIS A 399 26.52 4.44 -11.54
N LEU A 400 27.61 4.08 -10.89
CA LEU A 400 28.24 5.01 -9.96
C LEU A 400 28.79 6.18 -10.75
N GLU A 401 29.39 5.89 -11.90
CA GLU A 401 29.93 6.91 -12.78
C GLU A 401 28.87 7.93 -13.12
N ILE A 402 27.71 7.42 -13.55
CA ILE A 402 26.60 8.29 -13.93
C ILE A 402 26.05 9.12 -12.78
N ILE A 403 26.05 8.56 -11.57
CA ILE A 403 25.55 9.31 -10.42
C ILE A 403 26.52 10.45 -10.09
N TYR A 404 27.80 10.23 -10.34
CA TYR A 404 28.82 11.24 -10.09
C TYR A 404 28.71 12.37 -11.12
N GLU A 405 28.65 12.01 -12.41
CA GLU A 405 28.56 13.01 -13.47
C GLU A 405 27.23 13.77 -13.40
N ILE A 406 26.22 13.15 -12.80
CA ILE A 406 24.92 13.79 -12.63
C ILE A 406 25.11 14.81 -11.52
N ASN A 407 25.76 14.36 -10.46
CA ASN A 407 26.04 15.19 -9.29
C ASN A 407 27.00 16.32 -9.65
N GLN A 408 28.02 16.01 -10.44
CA GLN A 408 28.99 17.00 -10.87
C GLN A 408 28.27 18.15 -11.58
N LYS A 409 27.37 17.79 -12.49
CA LYS A 409 26.61 18.79 -13.22
C LYS A 409 25.61 19.52 -12.31
N HIS A 410 25.29 18.88 -11.20
CA HIS A 410 24.36 19.48 -10.24
C HIS A 410 25.08 20.53 -9.40
N LEU A 411 26.25 20.17 -8.87
CA LEU A 411 27.02 21.07 -8.03
C LEU A 411 27.65 22.24 -8.78
N ASP A 412 28.07 21.99 -10.02
CA ASP A 412 28.70 23.04 -10.82
C ASP A 412 27.76 24.23 -11.05
N ARG A 413 26.47 23.97 -11.13
CA ARG A 413 25.50 25.03 -11.33
C ARG A 413 25.15 25.72 -10.01
N ILE A 414 25.40 25.04 -8.90
CA ILE A 414 25.12 25.63 -7.58
C ILE A 414 26.17 26.70 -7.28
N VAL A 415 27.41 26.46 -7.69
CA VAL A 415 28.46 27.46 -7.48
C VAL A 415 28.30 28.53 -8.56
N ALA A 416 27.48 28.24 -9.56
CA ALA A 416 27.19 29.15 -10.64
C ALA A 416 25.94 29.94 -10.25
N LEU A 417 25.72 30.01 -8.94
CA LEU A 417 24.59 30.72 -8.33
C LEU A 417 24.94 31.02 -6.88
N PHE A 418 25.92 30.28 -6.36
CA PHE A 418 26.40 30.42 -4.98
C PHE A 418 27.89 30.10 -5.00
N PRO A 419 28.68 30.89 -5.77
CA PRO A 419 30.14 30.71 -5.92
C PRO A 419 30.98 30.76 -4.65
N LYS A 420 30.40 31.29 -3.57
CA LYS A 420 31.09 31.37 -2.29
C LYS A 420 30.46 30.46 -1.26
N ASP A 421 29.22 30.04 -1.53
CA ASP A 421 28.47 29.17 -0.61
C ASP A 421 29.00 27.74 -0.63
N VAL A 422 30.10 27.54 0.10
CA VAL A 422 30.76 26.24 0.20
C VAL A 422 29.94 25.20 0.98
N ASP A 423 29.04 25.66 1.85
CA ASP A 423 28.23 24.74 2.64
C ASP A 423 26.96 24.28 1.94
N ARG A 424 26.48 25.06 0.97
CA ARG A 424 25.29 24.69 0.22
C ARG A 424 25.61 23.53 -0.73
N LEU A 425 26.87 23.45 -1.16
CA LEU A 425 27.29 22.37 -2.04
C LEU A 425 27.20 21.02 -1.36
N ARG A 426 27.93 20.85 -0.27
CA ARG A 426 27.93 19.58 0.46
C ARG A 426 26.55 19.25 1.01
N ARG A 427 25.73 20.29 1.15
CA ARG A 427 24.37 20.14 1.65
C ARG A 427 23.39 19.73 0.56
N MET A 428 23.79 19.92 -0.70
CA MET A 428 22.93 19.58 -1.82
C MET A 428 23.47 18.47 -2.72
N SER A 429 24.71 18.05 -2.48
CA SER A 429 25.35 16.99 -3.26
C SER A 429 24.65 15.63 -3.05
N LEU A 430 24.63 14.81 -4.10
CA LEU A 430 24.02 13.48 -4.02
C LEU A 430 24.84 12.59 -3.11
N ILE A 431 26.15 12.85 -3.04
CA ILE A 431 27.03 12.06 -2.21
C ILE A 431 27.39 12.74 -0.88
N GLU A 432 27.44 11.93 0.17
CA GLU A 432 27.81 12.39 1.50
C GLU A 432 29.19 11.82 1.82
N GLU A 433 30.22 12.65 1.74
CA GLU A 433 31.59 12.22 2.02
C GLU A 433 31.89 12.19 3.52
N GLU A 434 32.06 10.99 4.06
CA GLU A 434 32.35 10.79 5.48
C GLU A 434 33.16 9.50 5.66
N GLY A 435 33.26 9.06 6.92
CA GLY A 435 33.98 7.83 7.22
C GLY A 435 33.17 6.65 6.72
N SER A 436 32.87 6.73 5.42
CA SER A 436 32.09 5.78 4.62
C SER A 436 31.24 6.69 3.72
N LYS A 437 31.48 6.64 2.42
CA LYS A 437 30.73 7.47 1.48
C LYS A 437 29.37 6.85 1.20
N ARG A 438 28.33 7.68 1.24
CA ARG A 438 26.96 7.24 0.98
C ARG A 438 26.37 8.10 -0.12
N ILE A 439 25.26 7.62 -0.71
CA ILE A 439 24.57 8.35 -1.77
C ILE A 439 23.14 8.62 -1.32
N ASN A 440 22.74 9.89 -1.33
CA ASN A 440 21.39 10.29 -0.95
C ASN A 440 20.48 10.05 -2.16
N MET A 441 19.60 9.06 -2.05
CA MET A 441 18.70 8.70 -3.14
C MET A 441 17.57 9.69 -3.39
N ALA A 442 17.18 10.43 -2.35
CA ALA A 442 16.12 11.42 -2.48
C ALA A 442 16.63 12.60 -3.32
N HIS A 443 17.89 12.97 -3.12
CA HIS A 443 18.52 14.06 -3.87
C HIS A 443 18.56 13.68 -5.35
N LEU A 444 18.95 12.44 -5.63
CA LEU A 444 19.02 11.91 -6.99
C LEU A 444 17.64 12.00 -7.63
N CYS A 445 16.62 11.59 -6.87
CA CYS A 445 15.24 11.62 -7.36
C CYS A 445 14.78 13.05 -7.64
N ILE A 446 15.25 14.00 -6.83
CA ILE A 446 14.88 15.41 -6.99
C ILE A 446 15.56 16.03 -8.21
N VAL A 447 16.87 15.84 -8.31
CA VAL A 447 17.60 16.40 -9.44
C VAL A 447 17.16 15.73 -10.73
N GLY A 448 16.83 14.44 -10.64
CA GLY A 448 16.43 13.69 -11.81
C GLY A 448 14.98 13.79 -12.24
N SER A 449 14.16 14.47 -11.45
CA SER A 449 12.73 14.60 -11.76
C SER A 449 12.33 16.04 -12.08
N HIS A 450 11.16 16.21 -12.69
CA HIS A 450 10.65 17.54 -12.99
C HIS A 450 9.64 17.94 -11.93
N ALA A 451 9.22 16.97 -11.14
CA ALA A 451 8.26 17.20 -10.08
C ALA A 451 8.59 16.34 -8.86
N VAL A 452 8.14 16.80 -7.70
CA VAL A 452 8.34 16.12 -6.43
C VAL A 452 7.12 16.45 -5.60
N ASN A 453 6.59 15.49 -4.86
CA ASN A 453 5.40 15.76 -4.06
C ASN A 453 5.31 15.02 -2.76
N GLY A 454 4.61 15.64 -1.82
CA GLY A 454 4.37 15.06 -0.52
C GLY A 454 2.97 14.48 -0.58
N VAL A 455 2.60 13.72 0.44
CA VAL A 455 1.31 13.06 0.49
C VAL A 455 0.18 13.77 1.24
N ALA A 456 0.52 14.85 1.93
CA ALA A 456 -0.45 15.65 2.69
C ALA A 456 -0.01 17.12 2.69
N LYS A 457 -0.96 18.02 2.91
CA LYS A 457 -0.67 19.46 2.93
C LYS A 457 0.52 19.86 3.78
N ILE A 458 0.53 19.49 5.07
CA ILE A 458 1.66 19.88 5.90
C ILE A 458 2.88 19.03 5.59
N HIS A 459 2.66 17.78 5.15
CA HIS A 459 3.78 16.91 4.81
C HIS A 459 4.56 17.52 3.66
N SER A 460 3.84 17.87 2.59
CA SER A 460 4.46 18.48 1.42
C SER A 460 5.16 19.79 1.74
N ASP A 461 4.56 20.57 2.66
CA ASP A 461 5.13 21.84 3.08
C ASP A 461 6.46 21.62 3.80
N ILE A 462 6.48 20.64 4.70
CA ILE A 462 7.71 20.33 5.43
C ILE A 462 8.76 19.82 4.45
N VAL A 463 8.29 19.15 3.39
CA VAL A 463 9.17 18.61 2.36
C VAL A 463 9.76 19.75 1.52
N LYS A 464 8.87 20.61 1.05
CA LYS A 464 9.24 21.77 0.23
C LYS A 464 10.17 22.74 0.96
N THR A 465 9.71 23.24 2.11
CA THR A 465 10.47 24.22 2.88
C THR A 465 11.51 23.74 3.88
N LYS A 466 11.17 22.75 4.72
CA LYS A 466 12.14 22.27 5.71
C LYS A 466 13.24 21.38 5.12
N VAL A 467 12.90 20.11 4.88
CA VAL A 467 13.86 19.12 4.36
C VAL A 467 14.59 19.44 3.07
N PHE A 468 13.86 19.85 2.03
CA PHE A 468 14.50 20.15 0.75
C PHE A 468 14.53 21.63 0.43
N LYS A 469 14.75 22.43 1.49
CA LYS A 469 14.83 23.89 1.42
C LYS A 469 15.73 24.37 0.30
N ASP A 470 17.01 23.99 0.36
CA ASP A 470 17.98 24.41 -0.65
C ASP A 470 17.73 23.85 -2.05
N PHE A 471 16.67 23.05 -2.21
CA PHE A 471 16.31 22.49 -3.52
C PHE A 471 15.09 23.25 -4.07
N SER A 472 14.08 23.44 -3.22
CA SER A 472 12.89 24.15 -3.64
C SER A 472 13.19 25.62 -3.89
N GLU A 473 14.18 26.16 -3.17
CA GLU A 473 14.57 27.56 -3.34
C GLU A 473 15.10 27.77 -4.76
N LEU A 474 15.88 26.80 -5.24
CA LEU A 474 16.46 26.86 -6.58
C LEU A 474 15.37 26.80 -7.64
N GLU A 475 14.35 25.97 -7.41
CA GLU A 475 13.24 25.85 -8.33
C GLU A 475 11.96 25.50 -7.58
N PRO A 476 11.25 26.53 -7.08
CA PRO A 476 10.01 26.44 -6.32
C PRO A 476 8.95 25.55 -6.96
N ASP A 477 8.72 25.79 -8.25
CA ASP A 477 7.72 25.08 -9.04
C ASP A 477 7.86 23.57 -9.15
N LYS A 478 8.98 23.02 -8.69
CA LYS A 478 9.17 21.58 -8.77
C LYS A 478 8.37 20.84 -7.71
N PHE A 479 8.43 21.35 -6.47
CA PHE A 479 7.73 20.73 -5.35
C PHE A 479 6.23 20.99 -5.30
N GLN A 480 5.47 19.93 -5.06
CA GLN A 480 4.02 20.01 -5.01
C GLN A 480 3.45 19.20 -3.86
N ASN A 481 2.13 19.13 -3.81
CA ASN A 481 1.42 18.36 -2.82
C ASN A 481 0.34 17.60 -3.56
N LYS A 482 0.16 16.35 -3.15
CA LYS A 482 -0.87 15.48 -3.69
C LYS A 482 -1.28 14.70 -2.45
N THR A 483 -2.40 15.10 -1.87
CA THR A 483 -2.89 14.45 -0.66
C THR A 483 -3.37 13.06 -1.06
N ASN A 484 -2.96 12.05 -0.29
CA ASN A 484 -3.37 10.69 -0.58
C ASN A 484 -4.87 10.51 -0.67
N GLY A 485 -5.27 9.42 -1.32
CA GLY A 485 -6.67 9.12 -1.46
C GLY A 485 -6.89 7.64 -1.27
N ILE A 486 -8.15 7.24 -1.43
CA ILE A 486 -8.60 5.87 -1.26
C ILE A 486 -9.62 5.57 -2.37
N THR A 487 -9.64 4.34 -2.89
CA THR A 487 -10.63 4.01 -3.92
C THR A 487 -11.96 3.62 -3.25
N PRO A 488 -13.06 4.27 -3.67
CA PRO A 488 -14.40 4.02 -3.15
C PRO A 488 -15.02 2.73 -3.67
N ARG A 489 -14.30 2.03 -4.54
CA ARG A 489 -14.77 0.76 -5.07
C ARG A 489 -14.50 -0.35 -4.04
N ARG A 490 -13.22 -0.65 -3.84
CA ARG A 490 -12.83 -1.66 -2.87
C ARG A 490 -13.15 -1.27 -1.43
N TRP A 491 -13.18 0.03 -1.16
CA TRP A 491 -13.41 0.51 0.19
C TRP A 491 -14.82 0.98 0.58
N LEU A 492 -15.77 0.85 -0.34
CA LEU A 492 -17.15 1.21 -0.04
C LEU A 492 -18.06 0.20 -0.71
N LEU A 493 -18.12 0.24 -2.04
CA LEU A 493 -18.98 -0.67 -2.78
C LEU A 493 -18.68 -2.16 -2.53
N LEU A 494 -17.40 -2.50 -2.50
CA LEU A 494 -16.98 -3.87 -2.28
C LEU A 494 -17.15 -4.29 -0.83
N CYS A 495 -16.34 -3.71 0.05
CA CYS A 495 -16.36 -4.05 1.48
C CYS A 495 -17.63 -3.71 2.24
N ASN A 496 -18.32 -2.66 1.82
CA ASN A 496 -19.54 -2.23 2.51
C ASN A 496 -20.72 -2.02 1.56
N PRO A 497 -21.21 -3.09 0.95
CA PRO A 497 -22.35 -2.95 0.02
C PRO A 497 -23.60 -2.37 0.67
N GLY A 498 -23.70 -2.52 1.99
CA GLY A 498 -24.85 -1.99 2.72
C GLY A 498 -24.86 -0.48 2.73
N LEU A 499 -23.77 0.13 3.17
CA LEU A 499 -23.64 1.58 3.22
C LEU A 499 -23.76 2.16 1.81
N ALA A 500 -23.05 1.56 0.86
CA ALA A 500 -23.06 2.00 -0.54
C ALA A 500 -24.47 2.05 -1.11
N GLU A 501 -25.29 1.09 -0.72
CA GLU A 501 -26.67 1.02 -1.20
C GLU A 501 -27.56 2.05 -0.51
N LEU A 502 -27.26 2.35 0.76
CA LEU A 502 -28.02 3.33 1.51
C LEU A 502 -27.72 4.71 0.92
N ILE A 503 -26.44 4.98 0.66
CA ILE A 503 -25.99 6.25 0.09
C ILE A 503 -26.58 6.51 -1.29
N ALA A 504 -26.69 5.45 -2.09
CA ALA A 504 -27.22 5.54 -3.44
C ALA A 504 -28.74 5.62 -3.46
N GLU A 505 -29.37 5.04 -2.44
CA GLU A 505 -30.84 5.04 -2.34
C GLU A 505 -31.36 6.45 -2.05
N LYS A 506 -30.46 7.34 -1.65
CA LYS A 506 -30.80 8.73 -1.33
C LYS A 506 -30.24 9.71 -2.35
N ILE A 507 -28.99 9.53 -2.76
CA ILE A 507 -28.37 10.46 -3.72
C ILE A 507 -27.92 9.87 -5.06
N GLY A 508 -28.44 8.70 -5.42
CA GLY A 508 -28.06 8.10 -6.69
C GLY A 508 -26.69 7.43 -6.69
N GLU A 509 -26.16 7.18 -7.88
CA GLU A 509 -24.87 6.52 -8.00
C GLU A 509 -23.66 7.29 -8.51
N ASP A 510 -23.84 8.56 -8.89
CA ASP A 510 -22.73 9.37 -9.38
C ASP A 510 -21.61 9.58 -8.36
N TYR A 511 -21.89 9.31 -7.08
CA TYR A 511 -20.90 9.47 -6.01
C TYR A 511 -19.73 8.48 -6.13
N VAL A 512 -19.99 7.33 -6.72
CA VAL A 512 -18.95 6.31 -6.88
C VAL A 512 -17.72 6.80 -7.66
N LYS A 513 -17.97 7.51 -8.77
CA LYS A 513 -16.87 8.04 -9.57
C LYS A 513 -16.61 9.51 -9.25
N ASP A 514 -17.42 10.07 -8.36
CA ASP A 514 -17.30 11.45 -7.90
C ASP A 514 -17.70 11.48 -6.43
N LEU A 515 -16.79 11.00 -5.59
CA LEU A 515 -16.98 10.93 -4.15
C LEU A 515 -17.37 12.21 -3.42
N SER A 516 -16.90 13.36 -3.93
CA SER A 516 -17.22 14.66 -3.31
C SER A 516 -18.72 14.88 -3.24
N GLN A 517 -19.45 14.22 -4.14
CA GLN A 517 -20.90 14.27 -4.22
C GLN A 517 -21.54 13.84 -2.88
N LEU A 518 -20.72 13.29 -1.99
CA LEU A 518 -21.18 12.84 -0.67
C LEU A 518 -21.63 13.96 0.26
N THR A 519 -21.43 15.22 -0.15
CA THR A 519 -21.87 16.35 0.67
C THR A 519 -23.39 16.45 0.63
N LYS A 520 -24.00 15.85 -0.41
CA LYS A 520 -25.45 15.85 -0.58
C LYS A 520 -26.16 14.99 0.45
N LEU A 521 -25.39 14.35 1.33
CA LEU A 521 -25.96 13.52 2.39
C LEU A 521 -26.32 14.38 3.60
N HIS A 522 -25.82 15.62 3.60
CA HIS A 522 -26.09 16.57 4.67
C HIS A 522 -27.57 16.94 4.64
N SER A 523 -28.18 16.84 3.46
CA SER A 523 -29.60 17.15 3.30
C SER A 523 -30.46 16.10 3.99
N PHE A 524 -29.84 15.29 4.85
CA PHE A 524 -30.51 14.24 5.61
C PHE A 524 -30.03 14.33 7.06
N LEU A 525 -29.21 15.34 7.33
CA LEU A 525 -28.65 15.57 8.66
C LEU A 525 -29.75 15.68 9.72
N GLY A 526 -30.87 16.31 9.33
CA GLY A 526 -31.98 16.45 10.24
C GLY A 526 -32.86 15.22 10.25
N ASP A 527 -32.80 14.43 9.18
CA ASP A 527 -33.58 13.22 9.05
C ASP A 527 -33.12 12.17 10.07
N ASP A 528 -34.05 11.70 10.89
CA ASP A 528 -33.76 10.70 11.90
C ASP A 528 -34.13 9.31 11.41
N VAL A 529 -34.99 9.25 10.39
CA VAL A 529 -35.42 7.98 9.81
C VAL A 529 -34.24 7.38 9.04
N PHE A 530 -33.50 8.25 8.36
CA PHE A 530 -32.32 7.85 7.59
C PHE A 530 -31.24 7.38 8.54
N LEU A 531 -30.98 8.14 9.60
CA LEU A 531 -29.97 7.79 10.60
C LEU A 531 -30.31 6.46 11.26
N ARG A 532 -31.59 6.08 11.17
CA ARG A 532 -32.08 4.81 11.70
C ARG A 532 -31.46 3.73 10.83
N GLU A 533 -31.62 3.90 9.51
CA GLU A 533 -31.09 2.97 8.51
C GLU A 533 -29.57 2.94 8.57
N LEU A 534 -28.97 4.12 8.67
CA LEU A 534 -27.53 4.26 8.74
C LEU A 534 -26.93 3.40 9.85
N ALA A 535 -27.48 3.52 11.05
CA ALA A 535 -27.01 2.76 12.20
C ALA A 535 -27.37 1.28 12.05
N LYS A 536 -28.47 1.01 11.34
CA LYS A 536 -28.92 -0.37 11.10
C LYS A 536 -27.85 -1.07 10.25
N VAL A 537 -27.36 -0.36 9.24
CA VAL A 537 -26.32 -0.86 8.34
C VAL A 537 -25.04 -1.23 9.11
N LYS A 538 -24.66 -0.40 10.08
CA LYS A 538 -23.47 -0.63 10.89
C LYS A 538 -23.66 -1.85 11.80
N GLN A 539 -24.89 -2.09 12.25
CA GLN A 539 -25.18 -3.24 13.10
C GLN A 539 -25.14 -4.52 12.25
N GLU A 540 -25.56 -4.40 11.00
CA GLU A 540 -25.54 -5.52 10.08
C GLU A 540 -24.07 -5.93 9.93
N ASN A 541 -23.24 -4.96 9.60
CA ASN A 541 -21.80 -5.17 9.42
C ASN A 541 -21.17 -5.69 10.71
N LYS A 542 -21.72 -5.29 11.85
CA LYS A 542 -21.21 -5.73 13.14
C LYS A 542 -21.62 -7.16 13.50
N LEU A 543 -22.82 -7.57 13.08
CA LEU A 543 -23.28 -8.93 13.34
C LEU A 543 -22.41 -9.92 12.60
N LYS A 544 -22.18 -9.62 11.32
CA LYS A 544 -21.36 -10.47 10.45
C LYS A 544 -19.93 -10.56 10.98
N PHE A 545 -19.34 -9.44 11.38
CA PHE A 545 -17.97 -9.49 11.89
C PHE A 545 -17.89 -10.23 13.23
N SER A 546 -18.93 -10.10 14.05
CA SER A 546 -18.98 -10.77 15.35
C SER A 546 -18.84 -12.28 15.12
N GLN A 547 -19.55 -12.77 14.11
CA GLN A 547 -19.50 -14.18 13.77
C GLN A 547 -18.04 -14.54 13.46
N PHE A 548 -17.41 -13.74 12.60
CA PHE A 548 -16.03 -13.95 12.21
C PHE A 548 -15.16 -14.09 13.46
N LEU A 549 -15.32 -13.16 14.39
CA LEU A 549 -14.57 -13.16 15.65
C LEU A 549 -14.82 -14.41 16.52
N GLU A 550 -16.09 -14.79 16.66
CA GLU A 550 -16.44 -15.96 17.44
C GLU A 550 -15.87 -17.24 16.84
N THR A 551 -16.06 -17.39 15.53
CA THR A 551 -15.57 -18.56 14.81
C THR A 551 -14.06 -18.66 14.84
N GLU A 552 -13.39 -17.54 14.52
CA GLU A 552 -11.94 -17.50 14.46
C GLU A 552 -11.21 -17.33 15.80
N TYR A 553 -11.86 -16.74 16.78
CA TYR A 553 -11.21 -16.50 18.06
C TYR A 553 -11.81 -17.19 19.27
N LYS A 554 -13.02 -17.73 19.13
CA LYS A 554 -13.67 -18.42 20.24
C LYS A 554 -13.77 -17.47 21.43
N VAL A 555 -14.32 -16.29 21.16
CA VAL A 555 -14.50 -15.26 22.18
C VAL A 555 -15.91 -14.72 21.97
N LYS A 556 -16.70 -14.71 23.03
CA LYS A 556 -18.07 -14.21 22.95
C LYS A 556 -18.03 -12.71 22.72
N ILE A 557 -18.60 -12.29 21.59
CA ILE A 557 -18.63 -10.88 21.19
C ILE A 557 -19.99 -10.25 21.40
N ASN A 558 -20.00 -9.11 22.09
CA ASN A 558 -21.21 -8.34 22.35
C ASN A 558 -21.52 -7.50 21.11
N PRO A 559 -22.55 -7.89 20.32
CA PRO A 559 -22.94 -7.19 19.10
C PRO A 559 -23.35 -5.73 19.31
N SER A 560 -23.85 -5.42 20.49
CA SER A 560 -24.27 -4.06 20.83
C SER A 560 -23.08 -3.26 21.32
N SER A 561 -21.93 -3.92 21.43
CA SER A 561 -20.69 -3.28 21.87
C SER A 561 -20.24 -2.21 20.88
N MET A 562 -19.25 -1.40 21.28
CA MET A 562 -18.77 -0.32 20.45
C MET A 562 -17.97 -0.70 19.20
N PHE A 563 -16.98 -1.57 19.37
CA PHE A 563 -16.09 -1.98 18.27
C PHE A 563 -15.06 -0.85 18.07
N ASP A 564 -14.09 -0.86 18.99
CA ASP A 564 -13.01 0.09 19.05
C ASP A 564 -11.80 -0.58 18.39
N VAL A 565 -11.49 -0.19 17.15
CA VAL A 565 -10.39 -0.83 16.44
C VAL A 565 -9.19 0.04 16.10
N GLN A 566 -8.03 -0.59 16.16
CA GLN A 566 -6.76 0.04 15.86
C GLN A 566 -5.93 -0.99 15.11
N VAL A 567 -6.01 -0.94 13.78
CA VAL A 567 -5.30 -1.87 12.92
C VAL A 567 -4.25 -1.17 12.05
N LYS A 568 -3.00 -1.57 12.26
CA LYS A 568 -1.85 -0.99 11.57
C LYS A 568 -0.59 -1.69 12.08
N ARG A 569 0.55 -1.42 11.45
CA ARG A 569 1.80 -2.04 11.88
C ARG A 569 2.10 -1.75 13.34
N ILE A 570 2.57 -2.78 14.05
CA ILE A 570 2.92 -2.62 15.45
C ILE A 570 4.25 -1.87 15.53
N HIS A 571 4.18 -0.65 16.04
CA HIS A 571 5.35 0.21 16.18
C HIS A 571 5.17 1.12 17.39
N GLU A 572 6.28 1.58 17.97
CA GLU A 572 6.22 2.46 19.14
C GLU A 572 5.57 3.80 18.85
N TYR A 573 5.87 4.39 17.70
CA TYR A 573 5.29 5.67 17.35
C TYR A 573 3.80 5.56 17.04
N LYS A 574 3.36 4.36 16.66
CA LYS A 574 1.95 4.10 16.34
C LYS A 574 1.14 3.99 17.62
N ARG A 575 1.87 3.88 18.73
CA ARG A 575 1.30 3.76 20.07
C ARG A 575 0.72 2.38 20.36
N GLN A 576 -0.60 2.25 20.30
CA GLN A 576 -1.32 1.01 20.59
C GLN A 576 -1.03 0.44 21.98
N LEU A 577 0.05 0.95 22.57
CA LEU A 577 0.50 0.60 23.91
C LEU A 577 -0.35 1.54 24.78
N LEU A 578 -0.52 2.76 24.29
CA LEU A 578 -1.33 3.78 24.93
C LEU A 578 -2.76 3.27 24.93
N ASN A 579 -3.14 2.56 23.87
CA ASN A 579 -4.48 2.00 23.75
C ASN A 579 -4.62 0.90 24.78
N CYS A 580 -3.54 0.14 24.98
CA CYS A 580 -3.55 -0.96 25.94
C CYS A 580 -3.62 -0.41 27.36
N LEU A 581 -3.00 0.75 27.58
CA LEU A 581 -3.03 1.40 28.89
C LEU A 581 -4.48 1.69 29.24
N HIS A 582 -5.20 2.27 28.29
CA HIS A 582 -6.61 2.61 28.46
C HIS A 582 -7.46 1.34 28.64
N VAL A 583 -7.09 0.27 27.94
CA VAL A 583 -7.82 -0.99 28.03
C VAL A 583 -7.75 -1.55 29.44
N ILE A 584 -6.54 -1.61 29.99
CA ILE A 584 -6.34 -2.10 31.34
C ILE A 584 -7.13 -1.19 32.28
N THR A 585 -7.05 0.12 32.01
CA THR A 585 -7.74 1.16 32.78
C THR A 585 -9.24 0.92 32.87
N MET A 586 -9.88 0.64 31.74
CA MET A 586 -11.31 0.35 31.70
C MET A 586 -11.60 -0.92 32.48
N TYR A 587 -10.63 -1.85 32.43
CA TYR A 587 -10.75 -3.13 33.14
C TYR A 587 -10.70 -2.85 34.65
N ASN A 588 -9.70 -2.10 35.07
CA ASN A 588 -9.52 -1.73 36.47
C ASN A 588 -10.76 -1.00 36.98
N ARG A 589 -11.31 -0.10 36.16
CA ARG A 589 -12.51 0.65 36.52
C ARG A 589 -13.67 -0.30 36.78
N ILE A 590 -13.75 -1.38 36.01
CA ILE A 590 -14.82 -2.36 36.20
C ILE A 590 -14.55 -3.12 37.48
N LYS A 591 -13.27 -3.38 37.74
CA LYS A 591 -12.84 -4.09 38.93
C LYS A 591 -13.07 -3.29 40.21
N LYS A 592 -13.22 -1.97 40.07
CA LYS A 592 -13.47 -1.08 41.18
C LYS A 592 -14.68 -1.59 41.97
N ASP A 593 -15.72 -1.93 41.22
CA ASP A 593 -16.97 -2.46 41.76
C ASP A 593 -17.90 -2.41 40.56
N PRO A 594 -18.66 -3.49 40.31
CA PRO A 594 -19.59 -3.51 39.18
C PRO A 594 -20.72 -2.48 39.32
N LYS A 595 -21.82 -2.70 38.63
CA LYS A 595 -22.99 -1.82 38.67
C LYS A 595 -22.79 -0.45 38.04
N LYS A 596 -21.60 0.13 38.20
CA LYS A 596 -21.32 1.44 37.62
C LYS A 596 -21.42 1.35 36.10
N LEU A 597 -22.16 2.28 35.50
CA LEU A 597 -22.33 2.29 34.05
C LEU A 597 -21.01 2.32 33.29
N PHE A 598 -20.90 1.39 32.35
CA PHE A 598 -19.73 1.25 31.50
C PHE A 598 -20.26 0.80 30.14
N VAL A 599 -20.18 1.68 29.15
CA VAL A 599 -20.66 1.33 27.82
C VAL A 599 -19.75 0.23 27.30
N PRO A 600 -20.33 -0.93 26.95
CA PRO A 600 -19.57 -2.08 26.44
C PRO A 600 -18.78 -1.77 25.16
N ARG A 601 -17.54 -2.24 25.13
CA ARG A 601 -16.66 -2.04 23.99
C ARG A 601 -15.97 -3.33 23.57
N THR A 602 -15.65 -3.43 22.27
CA THR A 602 -14.90 -4.56 21.74
C THR A 602 -13.60 -3.92 21.26
N VAL A 603 -12.55 -4.06 22.05
CA VAL A 603 -11.27 -3.49 21.70
C VAL A 603 -10.43 -4.41 20.83
N ILE A 604 -10.44 -4.12 19.54
CA ILE A 604 -9.71 -4.90 18.53
C ILE A 604 -8.42 -4.19 18.10
N ILE A 605 -7.29 -4.85 18.32
CA ILE A 605 -6.00 -4.29 17.93
C ILE A 605 -5.33 -5.24 16.95
N GLY A 606 -4.92 -4.71 15.80
CA GLY A 606 -4.29 -5.56 14.80
C GLY A 606 -3.11 -4.92 14.10
N GLY A 607 -2.19 -5.78 13.65
CA GLY A 607 -1.01 -5.29 12.95
C GLY A 607 0.12 -6.29 12.99
N LYS A 608 1.15 -6.04 12.21
CA LYS A 608 2.30 -6.92 12.18
C LYS A 608 3.56 -6.20 12.66
N ALA A 609 4.37 -6.92 13.44
CA ALA A 609 5.62 -6.38 13.95
C ALA A 609 6.80 -6.83 13.06
N ALA A 610 7.83 -6.00 12.98
CA ALA A 610 9.01 -6.36 12.19
C ALA A 610 9.77 -7.45 12.92
N PRO A 611 10.28 -8.45 12.18
CA PRO A 611 11.04 -9.58 12.73
C PRO A 611 12.13 -9.22 13.76
N GLY A 612 12.89 -8.16 13.48
CA GLY A 612 13.93 -7.76 14.41
C GLY A 612 13.57 -6.59 15.31
N TYR A 613 12.29 -6.47 15.65
CA TYR A 613 11.80 -5.40 16.49
C TYR A 613 11.33 -5.98 17.82
N HIS A 614 12.23 -5.96 18.80
CA HIS A 614 11.94 -6.50 20.13
C HIS A 614 10.80 -5.81 20.88
N MET A 615 10.81 -4.47 20.87
CA MET A 615 9.78 -3.69 21.56
C MET A 615 8.39 -3.97 21.04
N ALA A 616 8.24 -3.94 19.71
CA ALA A 616 6.97 -4.18 19.04
C ALA A 616 6.34 -5.53 19.37
N LYS A 617 7.18 -6.57 19.41
CA LYS A 617 6.72 -7.92 19.72
C LYS A 617 6.30 -8.07 21.17
N MET A 618 6.93 -7.31 22.06
CA MET A 618 6.60 -7.34 23.49
C MET A 618 5.21 -6.71 23.66
N ILE A 619 4.96 -5.66 22.89
CA ILE A 619 3.70 -4.95 22.91
C ILE A 619 2.56 -5.87 22.43
N ILE A 620 2.86 -6.77 21.50
CA ILE A 620 1.87 -7.73 20.99
C ILE A 620 1.55 -8.71 22.11
N LYS A 621 2.61 -9.21 22.74
CA LYS A 621 2.49 -10.17 23.83
C LYS A 621 1.80 -9.49 25.01
N LEU A 622 2.05 -8.19 25.19
CA LEU A 622 1.46 -7.40 26.26
C LEU A 622 -0.05 -7.32 26.07
N ILE A 623 -0.48 -7.01 24.84
CA ILE A 623 -1.89 -6.90 24.51
C ILE A 623 -2.61 -8.24 24.65
N THR A 624 -1.97 -9.31 24.15
CA THR A 624 -2.56 -10.65 24.21
C THR A 624 -2.77 -11.09 25.66
N SER A 625 -1.79 -10.80 26.52
CA SER A 625 -1.84 -11.14 27.94
C SER A 625 -3.00 -10.41 28.60
N VAL A 626 -3.15 -9.12 28.29
CA VAL A 626 -4.24 -8.31 28.84
C VAL A 626 -5.55 -8.94 28.41
N ALA A 627 -5.64 -9.28 27.12
CA ALA A 627 -6.82 -9.89 26.53
C ALA A 627 -7.24 -11.16 27.26
N ASP A 628 -6.29 -12.07 27.47
CA ASP A 628 -6.58 -13.34 28.15
C ASP A 628 -7.18 -13.13 29.54
N VAL A 629 -6.70 -12.09 30.23
CA VAL A 629 -7.18 -11.75 31.57
C VAL A 629 -8.59 -11.17 31.56
N VAL A 630 -8.76 -10.06 30.84
CA VAL A 630 -10.04 -9.37 30.76
C VAL A 630 -11.16 -10.12 30.04
N ASN A 631 -10.80 -11.16 29.29
CA ASN A 631 -11.78 -11.95 28.55
C ASN A 631 -12.26 -13.14 29.37
N ASN A 632 -11.41 -13.61 30.26
CA ASN A 632 -11.71 -14.74 31.12
C ASN A 632 -12.21 -14.32 32.50
N ASP A 633 -11.97 -13.05 32.85
CA ASP A 633 -12.40 -12.49 34.11
C ASP A 633 -13.93 -12.57 34.17
N PRO A 634 -14.48 -13.37 35.11
CA PRO A 634 -15.91 -13.57 35.30
C PRO A 634 -16.66 -12.28 35.59
N MET A 635 -15.99 -11.35 36.28
CA MET A 635 -16.56 -10.06 36.64
C MET A 635 -16.86 -9.19 35.42
N VAL A 636 -15.88 -9.05 34.54
CA VAL A 636 -16.00 -8.22 33.33
C VAL A 636 -17.13 -8.61 32.39
N GLY A 637 -17.16 -9.88 31.96
CA GLY A 637 -18.21 -10.34 31.07
C GLY A 637 -18.35 -9.58 29.77
N SER A 638 -19.55 -9.58 29.20
CA SER A 638 -19.85 -8.89 27.95
C SER A 638 -19.78 -7.38 28.11
N LYS A 639 -18.82 -6.91 28.88
CA LYS A 639 -18.64 -5.49 29.13
C LYS A 639 -17.41 -5.01 28.37
N LEU A 640 -16.39 -5.86 28.36
CA LEU A 640 -15.16 -5.53 27.67
C LEU A 640 -14.48 -6.80 27.16
N LYS A 641 -14.28 -6.86 25.84
CA LYS A 641 -13.64 -7.99 25.19
C LYS A 641 -12.49 -7.47 24.36
N VAL A 642 -11.28 -8.00 24.59
CA VAL A 642 -10.10 -7.58 23.85
C VAL A 642 -9.69 -8.61 22.79
N ILE A 643 -9.59 -8.15 21.55
CA ILE A 643 -9.20 -9.02 20.43
C ILE A 643 -8.00 -8.47 19.65
N PHE A 644 -7.01 -9.33 19.43
CA PHE A 644 -5.86 -8.96 18.63
C PHE A 644 -5.99 -9.72 17.32
N LEU A 645 -6.34 -9.01 16.26
CA LEU A 645 -6.51 -9.61 14.93
C LEU A 645 -5.20 -10.15 14.37
N GLU A 646 -5.16 -11.46 14.17
CA GLU A 646 -3.98 -12.15 13.64
C GLU A 646 -3.87 -11.90 12.13
N ASN A 647 -2.63 -11.66 11.67
CA ASN A 647 -2.35 -11.43 10.26
C ASN A 647 -3.28 -10.40 9.62
N TYR A 648 -3.13 -9.13 10.03
CA TYR A 648 -3.96 -8.06 9.49
C TYR A 648 -3.49 -7.74 8.08
N ARG A 649 -4.42 -7.71 7.13
CA ARG A 649 -4.09 -7.45 5.73
C ARG A 649 -5.33 -6.94 4.98
N VAL A 650 -5.14 -6.56 3.72
CA VAL A 650 -6.21 -6.03 2.89
C VAL A 650 -7.57 -6.71 3.02
N SER A 651 -7.64 -8.04 2.87
CA SER A 651 -8.92 -8.73 2.95
C SER A 651 -9.56 -8.61 4.33
N LEU A 652 -8.73 -8.66 5.38
CA LEU A 652 -9.20 -8.54 6.76
C LEU A 652 -9.69 -7.11 7.01
N ALA A 653 -8.95 -6.14 6.45
CA ALA A 653 -9.28 -4.72 6.56
C ALA A 653 -10.68 -4.50 6.01
N GLU A 654 -10.97 -5.13 4.89
CA GLU A 654 -12.28 -5.03 4.26
C GLU A 654 -13.36 -5.63 5.14
N LYS A 655 -12.95 -6.50 6.05
CA LYS A 655 -13.89 -7.15 6.93
C LYS A 655 -14.19 -6.33 8.17
N VAL A 656 -13.15 -5.93 8.90
CA VAL A 656 -13.34 -5.15 10.12
C VAL A 656 -13.79 -3.71 9.91
N ILE A 657 -13.13 -3.00 8.99
CA ILE A 657 -13.43 -1.60 8.71
C ILE A 657 -14.92 -1.23 8.63
N PRO A 658 -15.73 -1.97 7.85
CA PRO A 658 -17.16 -1.64 7.78
C PRO A 658 -17.92 -1.98 9.06
N ALA A 659 -17.21 -2.56 10.04
CA ALA A 659 -17.81 -2.94 11.31
C ALA A 659 -17.32 -2.08 12.49
N THR A 660 -16.43 -1.14 12.20
CA THR A 660 -15.87 -0.29 13.24
C THR A 660 -16.76 0.91 13.56
N ASP A 661 -16.63 1.38 14.81
CA ASP A 661 -17.37 2.54 15.32
C ASP A 661 -16.39 3.62 15.75
N LEU A 662 -15.27 3.19 16.34
CA LEU A 662 -14.24 4.10 16.81
C LEU A 662 -12.88 3.77 16.20
N SER A 663 -12.41 4.63 15.30
CA SER A 663 -11.13 4.44 14.63
C SER A 663 -9.97 5.03 15.43
N GLU A 664 -9.08 4.16 15.91
CA GLU A 664 -7.93 4.58 16.70
C GLU A 664 -6.71 5.04 15.88
N GLN A 665 -6.56 6.36 15.77
CA GLN A 665 -5.46 6.98 15.04
C GLN A 665 -4.66 7.82 16.02
N ILE A 666 -4.22 7.16 17.10
CA ILE A 666 -3.50 7.79 18.22
C ILE A 666 -1.96 7.83 18.21
N SER A 667 -1.38 8.05 17.04
CA SER A 667 0.09 8.12 16.92
C SER A 667 0.58 9.46 17.48
N THR A 668 1.79 9.46 18.05
CA THR A 668 2.36 10.69 18.60
C THR A 668 2.40 11.79 17.56
N ALA A 669 2.11 13.02 17.99
CA ALA A 669 2.10 14.16 17.09
C ALA A 669 3.50 14.40 16.52
N GLY A 670 3.54 14.55 15.20
CA GLY A 670 4.79 14.78 14.50
C GLY A 670 5.43 13.53 13.94
N THR A 671 4.69 12.42 13.88
CA THR A 671 5.23 11.18 13.36
C THR A 671 4.40 10.53 12.25
N GLU A 672 3.44 11.28 11.72
CA GLU A 672 2.57 10.77 10.64
C GLU A 672 2.39 11.79 9.52
N ALA A 673 2.75 11.40 8.30
CA ALA A 673 2.61 12.29 7.15
C ALA A 673 1.18 12.26 6.61
N SER A 674 0.64 11.06 6.44
CA SER A 674 -0.72 10.87 5.94
C SER A 674 -1.44 9.85 6.81
N GLY A 675 -2.51 9.26 6.27
CA GLY A 675 -3.28 8.28 7.03
C GLY A 675 -4.36 7.68 6.15
N THR A 676 -3.94 6.73 5.33
CA THR A 676 -4.81 6.03 4.39
C THR A 676 -5.92 5.23 5.07
N GLY A 677 -5.58 4.55 6.15
CA GLY A 677 -6.58 3.77 6.86
C GLY A 677 -7.65 4.65 7.48
N ASN A 678 -7.21 5.80 7.99
CA ASN A 678 -8.06 6.80 8.64
C ASN A 678 -9.24 7.13 7.71
N MET A 679 -8.91 7.45 6.47
CA MET A 679 -9.93 7.80 5.47
C MET A 679 -10.91 6.66 5.22
N LYS A 680 -10.42 5.42 5.25
CA LYS A 680 -11.25 4.23 5.02
C LYS A 680 -12.34 4.10 6.07
N PHE A 681 -11.98 4.30 7.32
CA PHE A 681 -12.92 4.23 8.44
C PHE A 681 -13.95 5.35 8.32
N MET A 682 -13.47 6.57 8.07
CA MET A 682 -14.31 7.73 7.93
C MET A 682 -15.43 7.48 6.92
N LEU A 683 -15.05 6.93 5.77
CA LEU A 683 -15.97 6.64 4.67
C LEU A 683 -16.98 5.56 5.06
N ASN A 684 -16.57 4.66 5.94
CA ASN A 684 -17.42 3.55 6.35
C ASN A 684 -18.39 3.74 7.52
N GLY A 685 -18.34 4.91 8.15
CA GLY A 685 -19.26 5.19 9.25
C GLY A 685 -18.70 5.05 10.65
N ALA A 686 -17.42 5.35 10.81
CA ALA A 686 -16.77 5.27 12.10
C ALA A 686 -16.28 6.66 12.53
N LEU A 687 -16.35 6.93 13.83
CA LEU A 687 -15.88 8.20 14.35
C LEU A 687 -14.40 8.05 14.67
N THR A 688 -13.64 9.09 14.39
CA THR A 688 -12.21 9.04 14.59
C THR A 688 -11.70 9.68 15.88
N ILE A 689 -10.99 8.88 16.67
CA ILE A 689 -10.38 9.39 17.89
C ILE A 689 -8.91 9.40 17.53
N GLY A 690 -8.31 10.59 17.48
CA GLY A 690 -6.92 10.64 17.14
C GLY A 690 -6.26 11.99 17.26
N THR A 691 -4.95 11.96 17.43
CA THR A 691 -4.14 13.14 17.55
C THR A 691 -4.31 14.02 16.32
N MET A 692 -4.05 15.32 16.45
CA MET A 692 -4.18 16.24 15.33
C MET A 692 -2.89 16.24 14.52
N ASP A 693 -2.73 15.21 13.70
CA ASP A 693 -1.54 15.03 12.87
C ASP A 693 -1.82 14.09 11.71
N GLY A 694 -0.94 14.10 10.72
CA GLY A 694 -1.08 13.24 9.56
C GLY A 694 -2.37 13.42 8.79
N ALA A 695 -3.17 12.37 8.75
CA ALA A 695 -4.43 12.40 8.02
C ALA A 695 -5.55 13.07 8.78
N ASN A 696 -5.58 12.91 10.09
CA ASN A 696 -6.62 13.50 10.92
C ASN A 696 -6.82 14.99 10.64
N VAL A 697 -5.71 15.68 10.40
CA VAL A 697 -5.72 17.10 10.10
C VAL A 697 -6.69 17.47 8.98
N GLU A 698 -6.50 16.89 7.79
CA GLU A 698 -7.36 17.20 6.64
C GLU A 698 -8.78 16.63 6.75
N MET A 699 -8.96 15.59 7.54
CA MET A 699 -10.29 15.00 7.73
C MET A 699 -11.07 15.99 8.58
N ALA A 700 -10.37 16.61 9.54
CA ALA A 700 -10.96 17.61 10.43
C ALA A 700 -11.40 18.83 9.63
N GLU A 701 -10.56 19.26 8.69
CA GLU A 701 -10.86 20.41 7.84
C GLU A 701 -12.07 20.15 6.96
N GLU A 702 -12.44 18.89 6.75
CA GLU A 702 -13.57 18.54 5.90
C GLU A 702 -14.88 18.35 6.63
N ALA A 703 -14.82 17.68 7.77
CA ALA A 703 -16.02 17.43 8.58
C ALA A 703 -16.15 18.46 9.68
N GLY A 704 -15.01 18.86 10.23
CA GLY A 704 -14.98 19.82 11.31
C GLY A 704 -14.32 19.18 12.51
N GLU A 705 -13.22 19.76 12.97
CA GLU A 705 -12.47 19.26 14.14
C GLU A 705 -13.42 18.84 15.25
N GLU A 706 -14.58 19.49 15.26
CA GLU A 706 -15.68 19.27 16.20
C GLU A 706 -16.26 17.88 16.04
N ASN A 707 -16.20 17.35 14.83
CA ASN A 707 -16.72 16.04 14.51
C ASN A 707 -15.76 14.86 14.74
N LEU A 708 -14.49 15.15 14.96
CA LEU A 708 -13.50 14.11 15.23
C LEU A 708 -13.09 14.25 16.70
N PHE A 709 -12.63 13.17 17.30
CA PHE A 709 -12.22 13.21 18.70
C PHE A 709 -10.75 13.52 18.89
N ILE A 710 -10.35 14.74 18.53
CA ILE A 710 -8.97 15.18 18.68
C ILE A 710 -8.53 15.21 20.14
N PHE A 711 -7.30 14.77 20.39
CA PHE A 711 -6.76 14.74 21.74
C PHE A 711 -5.23 14.79 21.77
N GLY A 712 -4.68 14.87 22.99
CA GLY A 712 -3.23 14.88 23.15
C GLY A 712 -2.49 16.09 22.63
N MET A 713 -1.18 16.09 22.88
CA MET A 713 -0.30 17.17 22.46
C MET A 713 -0.31 17.40 20.97
N ARG A 714 -0.21 18.67 20.56
CA ARG A 714 -0.15 19.02 19.16
C ARG A 714 1.34 18.99 18.80
N ILE A 715 1.68 19.16 17.53
CA ILE A 715 3.08 19.10 17.12
C ILE A 715 3.94 20.15 17.81
N ASP A 716 3.31 21.28 18.20
CA ASP A 716 4.01 22.36 18.89
C ASP A 716 4.31 21.95 20.34
N ASP A 717 3.32 21.37 20.99
CA ASP A 717 3.43 20.93 22.38
C ASP A 717 4.56 19.92 22.55
N VAL A 718 4.64 18.97 21.63
CA VAL A 718 5.68 17.93 21.68
C VAL A 718 7.08 18.53 21.53
N ALA A 719 7.21 19.51 20.63
CA ALA A 719 8.49 20.17 20.40
C ALA A 719 8.81 21.06 21.59
N ALA A 720 7.78 21.47 22.32
CA ALA A 720 7.94 22.30 23.49
C ALA A 720 8.54 21.43 24.59
N LEU A 721 8.04 20.20 24.70
CA LEU A 721 8.52 19.24 25.69
C LEU A 721 9.90 18.67 25.32
N ASP A 722 10.21 18.65 24.03
CA ASP A 722 11.50 18.16 23.55
C ASP A 722 12.55 19.27 23.66
N LYS A 723 12.41 20.08 24.70
CA LYS A 723 13.33 21.18 24.97
C LYS A 723 13.53 21.29 26.48
N LYS A 724 12.61 20.70 27.24
CA LYS A 724 12.69 20.72 28.70
C LYS A 724 13.10 19.39 29.30
N GLY A 725 12.30 18.36 29.06
CA GLY A 725 12.61 17.04 29.58
C GLY A 725 11.36 16.22 29.88
N TYR A 726 11.22 15.09 29.21
CA TYR A 726 10.08 14.21 29.43
C TYR A 726 10.42 13.13 30.44
N GLU A 727 10.18 13.44 31.72
CA GLU A 727 10.45 12.48 32.77
C GLU A 727 9.17 11.72 33.09
N ALA A 728 9.02 10.55 32.47
CA ALA A 728 7.85 9.70 32.65
C ALA A 728 7.54 9.35 34.11
N LYS A 729 8.52 9.53 34.98
CA LYS A 729 8.38 9.26 36.41
C LYS A 729 7.33 10.16 37.04
N GLU A 730 7.17 11.35 36.47
CA GLU A 730 6.22 12.36 36.96
C GLU A 730 4.75 11.93 36.83
N TYR A 731 4.27 11.83 35.59
CA TYR A 731 2.88 11.44 35.28
C TYR A 731 2.48 10.17 36.03
N TYR A 732 3.44 9.28 36.22
CA TYR A 732 3.23 8.02 36.91
C TYR A 732 2.59 8.20 38.29
N GLU A 733 3.29 8.93 39.16
CA GLU A 733 2.80 9.20 40.51
C GLU A 733 1.64 10.19 40.48
N ALA A 734 1.77 11.20 39.63
CA ALA A 734 0.76 12.25 39.48
C ALA A 734 -0.60 11.71 39.09
N LEU A 735 -0.60 10.69 38.23
CA LEU A 735 -1.83 10.06 37.76
C LEU A 735 -2.14 8.79 38.53
N PRO A 736 -3.37 8.69 39.08
CA PRO A 736 -3.83 7.53 39.85
C PRO A 736 -3.92 6.26 39.00
N GLU A 737 -4.89 6.23 38.10
CA GLU A 737 -5.14 5.08 37.23
C GLU A 737 -3.90 4.61 36.47
N LEU A 738 -3.08 5.55 36.01
CA LEU A 738 -1.86 5.20 35.28
C LEU A 738 -0.98 4.33 36.18
N LYS A 739 -0.78 4.79 37.42
CA LYS A 739 0.04 4.09 38.42
C LYS A 739 -0.37 2.64 38.56
N LEU A 740 -1.67 2.42 38.80
CA LEU A 740 -2.22 1.09 38.97
C LEU A 740 -1.82 0.21 37.78
N VAL A 741 -2.17 0.67 36.58
CA VAL A 741 -1.87 -0.07 35.34
C VAL A 741 -0.38 -0.41 35.22
N ILE A 742 0.47 0.60 35.14
CA ILE A 742 1.91 0.41 35.01
C ILE A 742 2.44 -0.59 36.02
N ASP A 743 1.99 -0.47 37.27
CA ASP A 743 2.39 -1.38 38.34
C ASP A 743 1.98 -2.81 38.06
N GLN A 744 0.74 -2.98 37.61
CA GLN A 744 0.20 -4.29 37.29
C GLN A 744 1.05 -4.97 36.22
N ILE A 745 1.57 -4.17 35.29
CA ILE A 745 2.41 -4.67 34.22
C ILE A 745 3.79 -5.09 34.73
N ASP A 746 4.35 -4.26 35.61
CA ASP A 746 5.68 -4.50 36.18
C ASP A 746 5.72 -5.59 37.24
N ASN A 747 4.63 -5.73 37.99
CA ASN A 747 4.54 -6.74 39.03
C ASN A 747 4.08 -8.09 38.48
N GLY A 748 3.62 -8.10 37.23
CA GLY A 748 3.18 -9.34 36.62
C GLY A 748 1.72 -9.69 36.83
N PHE A 749 0.84 -8.69 36.88
CA PHE A 749 -0.58 -8.95 37.06
C PHE A 749 -1.11 -9.70 35.84
N PHE A 750 -0.62 -9.32 34.67
CA PHE A 750 -1.02 -9.95 33.41
C PHE A 750 -0.07 -11.05 32.96
N SER A 751 0.91 -11.37 33.81
CA SER A 751 1.87 -12.42 33.51
C SER A 751 2.37 -13.11 34.79
N PRO A 752 1.49 -13.84 35.47
CA PRO A 752 1.81 -14.55 36.71
C PRO A 752 2.95 -15.57 36.57
N LYS A 753 3.01 -16.22 35.41
CA LYS A 753 4.06 -17.22 35.17
C LYS A 753 5.40 -16.54 34.97
N GLN A 754 5.40 -15.30 34.50
CA GLN A 754 6.62 -14.53 34.27
C GLN A 754 6.33 -13.04 34.49
N PRO A 755 6.39 -12.60 35.76
CA PRO A 755 6.14 -11.21 36.16
C PRO A 755 7.12 -10.20 35.57
N ASP A 756 8.37 -10.60 35.44
CA ASP A 756 9.41 -9.73 34.88
C ASP A 756 9.40 -9.70 33.35
N LEU A 757 8.37 -10.30 32.75
CA LEU A 757 8.21 -10.36 31.29
C LEU A 757 8.19 -8.99 30.64
N PHE A 758 7.29 -8.14 31.12
CA PHE A 758 7.16 -6.79 30.58
C PHE A 758 8.15 -5.81 31.21
N LYS A 759 9.10 -6.34 31.97
CA LYS A 759 10.12 -5.54 32.64
C LYS A 759 10.80 -4.58 31.66
N ASP A 760 10.95 -5.03 30.42
CA ASP A 760 11.58 -4.26 29.37
C ASP A 760 10.69 -3.14 28.83
N ILE A 761 9.37 -3.34 28.88
CA ILE A 761 8.45 -2.31 28.40
C ILE A 761 8.36 -1.17 29.41
N ILE A 762 8.65 -1.50 30.67
CA ILE A 762 8.62 -0.52 31.76
C ILE A 762 9.81 0.39 31.65
N ASN A 763 11.01 -0.20 31.69
CA ASN A 763 12.27 0.53 31.61
C ASN A 763 12.35 1.49 30.42
N MET A 764 11.78 1.07 29.30
CA MET A 764 11.79 1.89 28.10
C MET A 764 10.78 3.02 28.22
N LEU A 765 9.58 2.72 28.70
CA LEU A 765 8.53 3.71 28.86
C LEU A 765 9.00 4.88 29.71
N PHE A 766 9.71 4.58 30.79
CA PHE A 766 10.25 5.61 31.68
C PHE A 766 11.51 6.26 31.11
N TYR A 767 12.66 5.72 31.50
CA TYR A 767 13.98 6.22 31.10
C TYR A 767 14.39 6.20 29.62
N HIS A 768 13.60 5.59 28.75
CA HIS A 768 13.98 5.53 27.33
C HIS A 768 12.88 5.70 26.27
N ASP A 769 11.77 6.32 26.65
CA ASP A 769 10.66 6.53 25.71
C ASP A 769 11.11 7.48 24.59
N ARG A 770 10.19 7.86 23.71
CA ARG A 770 10.51 8.77 22.62
C ARG A 770 9.24 9.35 22.01
N PHE A 771 8.12 8.66 22.25
CA PHE A 771 6.84 9.07 21.71
C PHE A 771 5.80 9.51 22.75
N LYS A 772 6.28 9.72 23.98
CA LYS A 772 5.46 10.20 25.08
C LYS A 772 4.12 9.49 25.32
N VAL A 773 4.18 8.27 25.82
CA VAL A 773 2.96 7.50 26.08
C VAL A 773 2.19 8.09 27.28
N PHE A 774 2.89 8.26 28.40
CA PHE A 774 2.31 8.81 29.63
C PHE A 774 1.82 10.25 29.46
N ALA A 775 2.59 11.06 28.74
CA ALA A 775 2.23 12.46 28.52
C ALA A 775 0.84 12.66 27.90
N ASP A 776 0.39 11.68 27.11
CA ASP A 776 -0.93 11.76 26.48
C ASP A 776 -1.95 10.81 27.10
N TYR A 777 -1.51 10.02 28.08
CA TYR A 777 -2.40 9.07 28.74
C TYR A 777 -3.69 9.67 29.27
N GLU A 778 -3.58 10.55 30.26
CA GLU A 778 -4.74 11.21 30.89
C GLU A 778 -5.60 11.87 29.82
N ALA A 779 -4.95 12.57 28.90
CA ALA A 779 -5.61 13.25 27.80
C ALA A 779 -6.34 12.26 26.89
N TYR A 780 -5.78 11.06 26.78
CA TYR A 780 -6.34 10.00 25.95
C TYR A 780 -7.59 9.36 26.57
N VAL A 781 -7.53 9.05 27.87
CA VAL A 781 -8.66 8.43 28.56
C VAL A 781 -9.88 9.34 28.68
N LYS A 782 -9.67 10.60 29.02
CA LYS A 782 -10.76 11.56 29.15
C LYS A 782 -11.50 11.66 27.81
N CYS A 783 -10.70 11.75 26.73
CA CYS A 783 -11.22 11.83 25.37
C CYS A 783 -12.10 10.63 25.09
N GLN A 784 -11.61 9.45 25.49
CA GLN A 784 -12.33 8.19 25.32
C GLN A 784 -13.68 8.19 26.04
N ASP A 785 -13.69 8.77 27.25
CA ASP A 785 -14.89 8.87 28.06
C ASP A 785 -15.94 9.71 27.33
N LYS A 786 -15.47 10.68 26.55
CA LYS A 786 -16.35 11.54 25.76
C LYS A 786 -16.94 10.73 24.60
N VAL A 787 -16.17 9.74 24.13
CA VAL A 787 -16.62 8.86 23.05
C VAL A 787 -17.70 7.94 23.63
N SER A 788 -17.42 7.38 24.80
CA SER A 788 -18.35 6.49 25.48
C SER A 788 -19.70 7.16 25.75
N GLN A 789 -19.65 8.39 26.29
CA GLN A 789 -20.87 9.12 26.58
C GLN A 789 -21.62 9.49 25.30
N LEU A 790 -20.87 9.84 24.25
CA LEU A 790 -21.50 10.17 22.97
C LEU A 790 -22.16 8.91 22.43
N TYR A 791 -21.47 7.78 22.60
CA TYR A 791 -21.97 6.50 22.13
C TYR A 791 -23.27 6.13 22.83
N MET A 792 -23.52 6.75 23.98
CA MET A 792 -24.74 6.48 24.74
C MET A 792 -25.98 7.08 24.05
N ASN A 793 -25.76 8.08 23.20
CA ASN A 793 -26.83 8.74 22.47
C ASN A 793 -26.68 8.46 20.97
N PRO A 794 -27.46 7.49 20.46
CA PRO A 794 -27.46 7.09 19.05
C PRO A 794 -27.57 8.23 18.04
N LYS A 795 -28.58 9.08 18.20
CA LYS A 795 -28.80 10.20 17.29
C LYS A 795 -27.57 11.10 17.22
N ALA A 796 -27.01 11.44 18.37
CA ALA A 796 -25.83 12.29 18.46
C ALA A 796 -24.62 11.64 17.79
N TRP A 797 -24.46 10.33 18.03
CA TRP A 797 -23.37 9.56 17.46
C TRP A 797 -23.51 9.48 15.93
N ASN A 798 -24.70 9.10 15.47
CA ASN A 798 -24.96 8.98 14.03
C ASN A 798 -24.94 10.31 13.30
N THR A 799 -25.41 11.37 13.96
CA THR A 799 -25.44 12.68 13.32
C THR A 799 -24.02 13.11 13.00
N MET A 800 -23.09 12.75 13.88
CA MET A 800 -21.67 13.06 13.69
C MET A 800 -21.08 12.12 12.64
N VAL A 801 -21.55 10.88 12.62
CA VAL A 801 -21.11 9.87 11.66
C VAL A 801 -21.46 10.34 10.25
N LEU A 802 -22.72 10.71 10.06
CA LEU A 802 -23.18 11.21 8.77
C LEU A 802 -22.34 12.41 8.39
N LYS A 803 -21.91 13.18 9.40
CA LYS A 803 -21.06 14.35 9.17
C LYS A 803 -19.69 13.95 8.62
N ASN A 804 -19.18 12.83 9.12
CA ASN A 804 -17.88 12.30 8.67
C ASN A 804 -17.99 11.71 7.26
N ILE A 805 -18.94 10.80 7.06
CA ILE A 805 -19.16 10.16 5.76
C ILE A 805 -19.45 11.19 4.68
N ALA A 806 -20.26 12.18 5.03
CA ALA A 806 -20.64 13.23 4.09
C ALA A 806 -19.51 14.19 3.72
N ALA A 807 -18.42 14.16 4.49
CA ALA A 807 -17.27 15.01 4.24
C ALA A 807 -16.04 14.25 3.73
N SER A 808 -16.17 12.92 3.60
CA SER A 808 -15.08 12.07 3.15
C SER A 808 -14.79 12.08 1.65
N GLY A 809 -15.78 12.52 0.88
CA GLY A 809 -15.65 12.58 -0.57
C GLY A 809 -14.34 13.04 -1.22
N LYS A 810 -13.59 13.91 -0.55
CA LYS A 810 -12.35 14.39 -1.14
C LYS A 810 -11.20 13.41 -0.94
N PHE A 811 -11.41 12.40 -0.09
CA PHE A 811 -10.36 11.43 0.17
C PHE A 811 -10.39 10.25 -0.81
N SER A 812 -11.02 10.49 -1.95
CA SER A 812 -11.11 9.53 -3.04
C SER A 812 -9.81 9.60 -3.83
N SER A 813 -9.33 8.44 -4.27
CA SER A 813 -8.10 8.39 -5.04
C SER A 813 -8.33 8.88 -6.46
N ASP A 814 -9.59 8.98 -6.86
CA ASP A 814 -9.94 9.49 -8.18
C ASP A 814 -9.54 10.97 -8.21
N ARG A 815 -9.72 11.63 -7.07
CA ARG A 815 -9.38 13.04 -6.93
C ARG A 815 -7.88 13.21 -7.00
N THR A 816 -7.17 12.37 -6.25
CA THR A 816 -5.70 12.38 -6.21
C THR A 816 -5.13 12.13 -7.62
N ILE A 817 -5.65 11.13 -8.30
CA ILE A 817 -5.20 10.80 -9.64
C ILE A 817 -5.51 11.93 -10.61
N LYS A 818 -6.66 12.58 -10.42
CA LYS A 818 -7.03 13.71 -11.28
C LYS A 818 -5.98 14.80 -11.10
N GLU A 819 -5.46 14.92 -9.87
CA GLU A 819 -4.44 15.92 -9.62
C GLU A 819 -3.08 15.57 -10.23
N TYR A 820 -2.64 14.32 -10.08
CA TYR A 820 -1.37 13.86 -10.65
C TYR A 820 -1.42 13.96 -12.17
N ALA A 821 -2.55 13.56 -12.73
CA ALA A 821 -2.74 13.58 -14.17
C ALA A 821 -2.67 15.00 -14.73
N GLN A 822 -3.21 15.94 -13.96
CA GLN A 822 -3.25 17.34 -14.33
C GLN A 822 -1.98 18.14 -14.04
N ASN A 823 -1.43 17.98 -12.85
CA ASN A 823 -0.26 18.74 -12.46
C ASN A 823 1.10 18.10 -12.64
N ILE A 824 1.14 16.79 -12.85
CA ILE A 824 2.43 16.12 -12.99
C ILE A 824 2.66 15.35 -14.28
N TRP A 825 1.73 14.47 -14.63
CA TRP A 825 1.87 13.62 -15.82
C TRP A 825 1.38 14.25 -17.10
N ASN A 826 0.61 15.32 -16.98
CA ASN A 826 0.07 16.02 -18.14
C ASN A 826 -0.72 15.03 -18.97
N VAL A 827 -1.67 14.38 -18.30
CA VAL A 827 -2.53 13.39 -18.91
C VAL A 827 -3.97 13.81 -18.60
N GLU A 828 -4.86 13.66 -19.57
CA GLU A 828 -6.26 14.02 -19.39
C GLU A 828 -7.21 12.83 -19.16
N PRO A 829 -7.88 12.80 -18.01
CA PRO A 829 -8.81 11.72 -17.69
C PRO A 829 -9.93 11.62 -18.72
N SER A 830 -10.63 10.49 -18.76
CA SER A 830 -11.72 10.28 -19.71
C SER A 830 -12.84 9.45 -19.10
N ASP A 831 -14.07 9.80 -19.46
CA ASP A 831 -15.26 9.09 -18.97
C ASP A 831 -15.81 8.12 -20.00
N LEU A 832 -15.28 8.18 -21.20
CA LEU A 832 -15.72 7.30 -22.28
C LEU A 832 -15.48 5.81 -22.02
N LYS A 833 -16.51 5.02 -22.31
CA LYS A 833 -16.48 3.58 -22.14
C LYS A 833 -15.87 2.88 -23.34
N ILE A 834 -14.91 1.99 -23.10
CA ILE A 834 -14.26 1.24 -24.19
C ILE A 834 -15.33 0.37 -24.83
N SER A 835 -15.37 0.41 -26.16
CA SER A 835 -16.35 -0.39 -26.89
C SER A 835 -15.85 -1.81 -27.09
N LEU A 836 -16.63 -2.78 -26.64
CA LEU A 836 -16.27 -4.18 -26.78
C LEU A 836 -16.72 -4.66 -28.15
N SER A 837 -17.79 -4.05 -28.66
CA SER A 837 -18.36 -4.39 -29.96
C SER A 837 -18.12 -3.24 -30.93
N ASN A 838 -16.89 -3.09 -31.38
CA ASN A 838 -16.52 -2.03 -32.31
C ASN A 838 -16.84 -2.44 -33.76
C1 GLC B . 2.48 4.59 3.91
C2 GLC B . 2.49 5.43 2.64
C3 GLC B . 1.80 6.76 2.90
C4 GLC B . 0.39 6.47 3.36
C5 GLC B . 0.43 5.61 4.61
C6 GLC B . -0.97 5.23 5.07
O1 GLC B . 3.17 5.24 4.91
O2 GLC B . 3.83 5.67 2.22
O3 GLC B . 1.78 7.54 1.72
O4 GLC B . -0.29 7.68 3.64
O5 GLC B . 1.14 4.38 4.36
O6 GLC B . -1.41 6.08 6.11
P AMP C . 2.33 -4.51 -25.36
O1P AMP C . 2.78 -5.13 -24.07
O2P AMP C . 3.09 -4.91 -26.57
O3P AMP C . 2.05 -3.07 -25.30
O5' AMP C . 0.91 -5.20 -25.63
C5' AMP C . -0.20 -5.33 -24.75
C4' AMP C . -1.40 -5.43 -25.66
O4' AMP C . -1.32 -4.28 -26.51
C3' AMP C . -1.43 -6.60 -26.69
O3' AMP C . -2.06 -7.82 -26.21
C2' AMP C . -2.35 -6.03 -27.75
O2' AMP C . -3.72 -6.34 -27.32
C1' AMP C . -2.02 -4.50 -27.74
N9 AMP C . -1.12 -4.13 -28.85
C8 AMP C . 0.26 -4.20 -28.89
N7 AMP C . 0.78 -3.98 -30.08
C5 AMP C . -0.34 -3.75 -30.87
C6 AMP C . -0.48 -3.48 -32.26
N6 AMP C . 0.57 -3.37 -33.06
N1 AMP C . -1.72 -3.32 -32.74
C2 AMP C . -2.76 -3.43 -31.90
N3 AMP C . -2.77 -3.68 -30.60
C4 AMP C . -1.50 -3.84 -30.14
N1 PLP D . -2.54 -1.98 5.74
C2 PLP D . -3.75 -2.35 5.20
C2A PLP D . -4.20 -3.82 5.26
C3 PLP D . -4.58 -1.39 4.67
O3 PLP D . -5.76 -1.77 4.02
C4 PLP D . -4.22 -0.09 4.70
C4A PLP D . -5.07 0.86 4.19
C5 PLP D . -3.02 0.28 5.24
C6 PLP D . -2.19 -0.68 5.76
C5A PLP D . -2.63 1.75 5.26
O4P PLP D . -1.40 2.03 5.91
P PLP D . -1.35 2.86 7.31
O1P PLP D . -1.32 1.80 8.35
O2P PLP D . -0.08 3.60 7.10
O3P PLP D . -2.61 3.69 7.27
#